data_9PEE
#
_entry.id   9PEE
#
_cell.length_a   1.00
_cell.length_b   1.00
_cell.length_c   1.00
_cell.angle_alpha   90.00
_cell.angle_beta   90.00
_cell.angle_gamma   90.00
#
_symmetry.space_group_name_H-M   'P 1'
#
loop_
_entity.id
_entity.type
_entity.pdbx_description
1 polymer 'Human CCR6'
2 polymer 'anti-BRIL Fab Light chain'
3 polymer 'anti-BRIL Fab Nanobody'
4 polymer 'anti-BRIL Heavy chain'
5 non-polymer N-{[(2R)-4-(bicyclo[1.1.1]pentan-1-yl)-5-oxomorpholin-2-yl]methyl}-1-[4-(trifluoromethyl)phenyl]cyclopropane-1-carboxamide
6 non-polymer 4-[(2-{[(R)-(1,4-dimethyl-1H-pyrazol-3-yl)(1-methylcyclopentyl)methyl]amino}-3,4-dioxocyclobut-1-en-1-yl)amino]-3-hydroxy-N,N-dimethylpyridine-2-carboxamide
#
loop_
_entity_poly.entity_id
_entity_poly.type
_entity_poly.pdbx_seq_one_letter_code
_entity_poly.pdbx_strand_id
1 'polypeptide(L)'
;MKTIIALSYIFCLVFADYKDDDDAKLQTMHHHHHHHHHHENLYFQGGTSVDSEMLLCSLQEVRQFSRAFVPIAYSLICVF
GLLGNILVVITFAFYKKARSMTDVYLANMAIADILFALTLPFWAVSHATGAWVFSNATCKLLKGIYAINFNCGMWLLTCI
AMDRYIAIVQATKSFRLRSATLPRSKIICLVVWGLSVIISSSTFVFNQKYNTQGSDVCEPKYQTVSEPIRWKLLMLGLEL
LFGFFIPLMFMIFCYTAIVKTLRRQLADLEDNWETLNDNLKVIEKADNAAQVKDALTKMRAAALDAQKATPPKLEDKSPD
SPEMKDFRHGFDILVGQIDDALKLANEGKVKEAQAAAEQLKTTRNAYIQKYLERARSTLQKEVKAIRVIIAVVLVFLACQ
IPHNMVLLVTAANLGKMNRSCQSEKLIAYTKTVTEVLAFLHCCLNPVLYAFIGQKFRNYFLKILKDLWCVRRKYKSSGFS
;
A
2 'polypeptide(L)'
;MGWSCIILFLVATATGVHSSDIQMTQSPSSLSASVGDRVTITCRASQSVSSAVAWYQQKPGKAPKLLIYSASSLYSGVPS
RFSGSRSGTDFTLTISSLQPEDFATYYCQQYLYYSLVTFGQGTKVEIKRTVAAPSVFIFPPSDSQLKSGTASVVCLLNNF
YPREAKVQWKVDNALQSGNSQESVTEQDSKDSTYSLSSTLTLSKADYEKHKVYACEVTHQGLSSPVTKSFNRG
;
L
3 'polypeptide(L)'
;MGHHHHHHHHHHENLYFQGSQVQLQESGGGLVQPGGSLRLSCAASGRTISRYAMSWFRQAPGKEREFVAVARRSGDGAFY
ADSVQGRFTVSRDDAKNTVYLQMNSLKPEDTAVYYCAIDSDTFYSGSYDYWGQGTQVTVSS
;
K
4 'polypeptide(L)'
;MGWSCIILFLVATATGVHSEISEVQLVESGGGLVQPGGSLRLSCAASGFNVVDFSLHWVRQAPGKGLEWVAYISSSSGST
SYADSVKGRFTISADTSKNTAYLQMNSLRAEDTAVYYCARWGYWPGEPWWKAFDYWGQGTLVTVSSASTKGPSVFPLAPS
SKSTSGGTAALGCLVKDYFPEPVTVSWNSGALTSGVHTFPAVLQSSGLYSLSSVVTVPSSSLGTQTYICNVNHKPSNTKV
DKKVEPKSGGSENLYFQGSHHHHHHHHHH
;
H
#
# COMPACT_ATOMS: atom_id res chain seq x y z
N ARG A 63 51.21 21.54 36.54
CA ARG A 63 50.03 22.38 36.43
C ARG A 63 49.34 22.53 37.78
N GLN A 64 50.00 23.26 38.69
CA GLN A 64 49.45 23.45 40.03
C GLN A 64 48.27 24.43 40.02
N PHE A 65 48.25 25.35 39.06
CA PHE A 65 47.18 26.36 39.04
C PHE A 65 45.85 25.78 38.61
N SER A 66 45.86 24.68 37.84
CA SER A 66 44.62 24.00 37.48
C SER A 66 43.95 23.40 38.71
N ARG A 67 44.72 22.65 39.51
CA ARG A 67 44.21 22.11 40.76
C ARG A 67 44.01 23.20 41.82
N ALA A 68 44.59 24.38 41.61
CA ALA A 68 44.37 25.50 42.52
C ALA A 68 43.08 26.26 42.20
N PHE A 69 42.65 26.29 40.94
CA PHE A 69 41.46 27.07 40.60
C PHE A 69 40.22 26.22 40.34
N VAL A 70 40.32 24.88 40.28
CA VAL A 70 39.10 24.06 40.33
C VAL A 70 38.31 24.14 41.65
N PRO A 71 38.93 23.97 42.86
CA PRO A 71 38.09 23.51 43.98
C PRO A 71 37.19 24.55 44.63
N ILE A 72 37.51 25.84 44.55
CA ILE A 72 36.60 26.86 45.07
C ILE A 72 35.34 26.93 44.19
N ALA A 73 35.52 26.82 42.87
CA ALA A 73 34.38 26.71 41.97
C ALA A 73 33.61 25.43 42.20
N TYR A 74 34.31 24.33 42.50
CA TYR A 74 33.65 23.06 42.82
C TYR A 74 32.80 23.17 44.08
N SER A 75 33.33 23.82 45.11
CA SER A 75 32.57 23.99 46.35
C SER A 75 31.37 24.92 46.16
N LEU A 76 31.51 25.96 45.33
CA LEU A 76 30.38 26.86 45.13
C LEU A 76 29.28 26.19 44.30
N ILE A 77 29.64 25.41 43.28
CA ILE A 77 28.59 24.73 42.53
C ILE A 77 28.02 23.59 43.37
N CYS A 78 28.80 23.04 44.30
CA CYS A 78 28.28 22.03 45.21
C CYS A 78 27.21 22.60 46.13
N VAL A 79 27.51 23.74 46.79
CA VAL A 79 26.54 24.31 47.73
C VAL A 79 25.32 24.85 46.98
N PHE A 80 25.53 25.42 45.78
CA PHE A 80 24.39 25.89 45.00
C PHE A 80 23.51 24.74 44.53
N GLY A 81 24.13 23.63 44.11
CA GLY A 81 23.37 22.48 43.67
C GLY A 81 22.61 21.81 44.81
N LEU A 82 23.24 21.70 45.98
CA LEU A 82 22.55 21.06 47.09
C LEU A 82 21.42 21.94 47.64
N LEU A 83 21.61 23.27 47.66
CA LEU A 83 20.53 24.17 48.04
C LEU A 83 19.37 24.12 47.04
N GLY A 84 19.67 24.16 45.74
CA GLY A 84 18.62 24.14 44.74
C GLY A 84 17.88 22.83 44.68
N ASN A 85 18.59 21.71 44.83
CA ASN A 85 17.91 20.42 44.81
C ASN A 85 17.16 20.13 46.11
N ILE A 86 17.64 20.60 47.26
CA ILE A 86 16.84 20.47 48.46
C ILE A 86 15.62 21.39 48.41
N LEU A 87 15.73 22.51 47.69
CA LEU A 87 14.54 23.32 47.39
C LEU A 87 13.55 22.55 46.53
N VAL A 88 14.05 21.82 45.52
CA VAL A 88 13.20 21.00 44.65
C VAL A 88 12.48 19.93 45.47
N VAL A 89 13.18 19.32 46.43
CA VAL A 89 12.49 18.27 47.19
C VAL A 89 11.52 18.86 48.23
N ILE A 90 11.71 20.09 48.74
CA ILE A 90 10.65 20.58 49.63
C ILE A 90 9.44 21.08 48.82
N THR A 91 9.66 21.55 47.58
CA THR A 91 8.48 21.80 46.75
C THR A 91 7.76 20.52 46.35
N PHE A 92 8.44 19.38 46.25
CA PHE A 92 7.64 18.14 46.14
C PHE A 92 7.00 17.80 47.47
N ALA A 93 7.70 18.03 48.60
CA ALA A 93 7.17 17.70 49.92
C ALA A 93 5.97 18.56 50.30
N PHE A 94 5.79 19.72 49.67
CA PHE A 94 4.59 20.53 49.84
C PHE A 94 3.54 20.25 48.77
N TYR A 95 3.96 20.06 47.52
CA TYR A 95 3.05 19.83 46.40
C TYR A 95 3.07 18.35 46.07
N LYS A 96 2.19 17.58 46.73
CA LYS A 96 2.06 16.15 46.48
C LYS A 96 0.76 15.80 45.77
N LYS A 97 0.09 16.79 45.17
CA LYS A 97 -1.23 16.57 44.58
C LYS A 97 -1.16 16.37 43.07
N ALA A 98 -0.52 17.28 42.34
CA ALA A 98 -0.36 17.11 40.89
C ALA A 98 0.96 16.43 40.55
N ARG A 99 1.20 15.27 41.14
CA ARG A 99 2.45 14.53 40.95
C ARG A 99 2.32 13.68 39.69
N SER A 100 2.84 14.21 38.58
CA SER A 100 2.83 13.48 37.33
C SER A 100 3.95 12.46 37.29
N MET A 101 3.95 11.63 36.25
CA MET A 101 5.03 10.67 36.05
C MET A 101 6.34 11.36 35.68
N THR A 102 6.25 12.49 34.96
CA THR A 102 7.41 13.34 34.72
C THR A 102 7.92 13.91 36.02
N ASP A 103 7.01 14.29 36.92
CA ASP A 103 7.39 14.86 38.21
C ASP A 103 8.13 13.86 39.07
N VAL A 104 7.65 12.62 39.13
CA VAL A 104 8.34 11.64 39.98
C VAL A 104 9.63 11.13 39.33
N TYR A 105 9.70 11.11 37.99
CA TYR A 105 10.96 10.70 37.35
C TYR A 105 12.04 11.76 37.54
N LEU A 106 11.69 13.04 37.37
CA LEU A 106 12.66 14.10 37.66
C LEU A 106 12.90 14.23 39.16
N ALA A 107 11.97 13.78 40.00
CA ALA A 107 12.23 13.73 41.44
C ALA A 107 13.28 12.67 41.79
N ASN A 108 13.20 11.50 41.15
CA ASN A 108 14.24 10.50 41.36
C ASN A 108 15.58 10.95 40.80
N MET A 109 15.55 11.71 39.69
CA MET A 109 16.76 12.35 39.20
C MET A 109 17.31 13.34 40.22
N ALA A 110 16.43 14.06 40.90
CA ALA A 110 16.85 14.97 41.97
C ALA A 110 17.42 14.22 43.17
N ILE A 111 16.86 13.04 43.49
CA ILE A 111 17.39 12.22 44.57
C ILE A 111 18.79 11.73 44.25
N ALA A 112 19.02 11.31 43.00
CA ALA A 112 20.37 10.96 42.56
C ALA A 112 21.29 12.18 42.58
N ASP A 113 20.73 13.36 42.28
CA ASP A 113 21.52 14.59 42.31
C ASP A 113 21.96 14.96 43.72
N ILE A 114 21.08 14.82 44.71
CA ILE A 114 21.51 15.11 46.08
C ILE A 114 22.37 13.98 46.66
N LEU A 115 22.27 12.77 46.10
CA LEU A 115 23.24 11.74 46.46
C LEU A 115 24.64 12.10 45.95
N PHE A 116 24.71 12.66 44.74
CA PHE A 116 26.00 13.10 44.21
C PHE A 116 26.47 14.40 44.87
N ALA A 117 25.53 15.23 45.34
CA ALA A 117 25.84 16.62 45.69
C ALA A 117 26.59 16.77 47.00
N LEU A 118 26.56 15.77 47.87
CA LEU A 118 27.16 15.94 49.20
C LEU A 118 28.67 15.85 49.18
N THR A 119 29.27 15.17 48.21
CA THR A 119 30.65 14.72 48.30
C THR A 119 31.61 15.46 47.37
N LEU A 120 31.17 16.51 46.70
CA LEU A 120 32.13 17.40 46.04
C LEU A 120 33.11 18.14 46.96
N PRO A 121 32.85 18.37 48.26
CA PRO A 121 33.97 18.78 49.13
C PRO A 121 35.12 17.79 49.20
N PHE A 122 34.84 16.49 49.10
CA PHE A 122 35.93 15.50 49.06
C PHE A 122 36.77 15.68 47.81
N TRP A 123 36.13 15.93 46.66
CA TRP A 123 36.86 16.23 45.43
C TRP A 123 37.62 17.54 45.55
N ALA A 124 37.04 18.52 46.26
CA ALA A 124 37.66 19.83 46.40
C ALA A 124 38.95 19.75 47.24
N VAL A 125 38.89 19.06 48.38
CA VAL A 125 40.10 18.89 49.18
C VAL A 125 41.04 17.83 48.61
N SER A 126 40.57 17.01 47.66
CA SER A 126 41.51 16.17 46.91
C SER A 126 42.27 17.00 45.88
N HIS A 127 41.60 17.96 45.25
CA HIS A 127 42.27 18.83 44.28
C HIS A 127 43.17 19.84 44.96
N ALA A 128 42.80 20.32 46.15
CA ALA A 128 43.53 21.41 46.80
C ALA A 128 44.88 20.96 47.32
N THR A 129 45.00 19.71 47.77
CA THR A 129 46.26 19.20 48.28
C THR A 129 47.24 18.81 47.18
N GLY A 130 46.80 18.78 45.92
CA GLY A 130 47.65 18.42 44.82
C GLY A 130 47.62 16.96 44.44
N ALA A 131 47.16 16.09 45.35
CA ALA A 131 47.05 14.66 45.09
C ALA A 131 45.98 14.10 46.01
N TRP A 132 45.70 12.81 45.86
CA TRP A 132 44.67 12.17 46.67
C TRP A 132 45.18 11.95 48.09
N VAL A 133 44.26 12.04 49.05
CA VAL A 133 44.57 11.98 50.48
C VAL A 133 44.04 10.70 51.11
N PHE A 134 42.77 10.38 50.86
CA PHE A 134 42.11 9.28 51.55
C PHE A 134 42.48 7.95 50.89
N SER A 135 41.83 6.88 51.33
CA SER A 135 42.14 5.54 50.86
C SER A 135 41.55 5.30 49.47
N ASN A 136 41.86 4.13 48.91
CA ASN A 136 41.37 3.78 47.58
C ASN A 136 39.89 3.45 47.59
N ALA A 137 39.38 2.91 48.71
CA ALA A 137 37.96 2.58 48.81
C ALA A 137 37.08 3.83 48.79
N THR A 138 37.58 4.94 49.35
CA THR A 138 36.86 6.21 49.26
C THR A 138 36.75 6.68 47.82
N CYS A 139 37.84 6.55 47.05
CA CYS A 139 37.80 6.96 45.63
C CYS A 139 36.91 6.04 44.82
N LYS A 140 36.90 4.74 45.15
CA LYS A 140 35.98 3.81 44.52
C LYS A 140 34.53 4.18 44.82
N LEU A 141 34.25 4.61 46.06
CA LEU A 141 32.90 5.06 46.40
C LEU A 141 32.54 6.35 45.67
N LEU A 142 33.50 7.25 45.47
CA LEU A 142 33.23 8.51 44.77
C LEU A 142 32.94 8.27 43.29
N LYS A 143 33.74 7.40 42.64
CA LYS A 143 33.43 7.01 41.26
C LYS A 143 32.12 6.23 41.18
N GLY A 144 31.78 5.45 42.21
CA GLY A 144 30.51 4.75 42.22
C GLY A 144 29.31 5.67 42.32
N ILE A 145 29.42 6.72 43.14
CA ILE A 145 28.27 7.62 43.25
C ILE A 145 28.16 8.53 42.03
N TYR A 146 29.29 8.89 41.41
CA TYR A 146 29.23 9.58 40.12
C TYR A 146 28.61 8.68 39.05
N ALA A 147 28.91 7.38 39.10
CA ALA A 147 28.35 6.44 38.13
C ALA A 147 26.85 6.23 38.34
N ILE A 148 26.40 6.16 39.60
CA ILE A 148 24.96 5.97 39.78
C ILE A 148 24.22 7.25 39.46
N ASN A 149 24.86 8.41 39.63
CA ASN A 149 24.26 9.67 39.18
C ASN A 149 24.08 9.68 37.66
N PHE A 150 25.13 9.28 36.93
CA PHE A 150 25.07 9.28 35.46
C PHE A 150 24.04 8.28 34.94
N ASN A 151 24.10 7.04 35.42
CA ASN A 151 23.18 6.03 34.89
C ASN A 151 21.77 6.17 35.45
N CYS A 152 21.61 6.75 36.64
CA CYS A 152 20.28 7.12 37.12
C CYS A 152 19.66 8.17 36.21
N GLY A 153 20.45 9.17 35.81
CA GLY A 153 19.95 10.15 34.86
C GLY A 153 19.61 9.54 33.51
N MET A 154 20.45 8.61 33.04
CA MET A 154 20.22 7.93 31.77
C MET A 154 18.92 7.12 31.77
N TRP A 155 18.74 6.28 32.79
CA TRP A 155 17.56 5.41 32.78
C TRP A 155 16.30 6.18 33.20
N LEU A 156 16.43 7.26 33.96
CA LEU A 156 15.26 8.07 34.26
C LEU A 156 14.79 8.85 33.04
N LEU A 157 15.72 9.37 32.25
CA LEU A 157 15.31 9.97 30.98
C LEU A 157 14.81 8.91 29.99
N THR A 158 15.29 7.67 30.12
CA THR A 158 14.78 6.59 29.27
C THR A 158 13.33 6.26 29.60
N CYS A 159 12.98 6.16 30.89
CA CYS A 159 11.57 5.94 31.22
C CYS A 159 10.74 7.21 31.02
N ILE A 160 11.37 8.38 31.01
CA ILE A 160 10.70 9.60 30.55
C ILE A 160 10.31 9.46 29.09
N ALA A 161 11.22 8.94 28.25
CA ALA A 161 10.93 8.72 26.84
C ALA A 161 9.84 7.66 26.67
N MET A 162 9.88 6.60 27.49
CA MET A 162 8.81 5.61 27.57
C MET A 162 7.45 6.26 27.78
N ASP A 163 7.33 7.05 28.84
CA ASP A 163 6.03 7.56 29.25
C ASP A 163 5.52 8.66 28.32
N ARG A 164 6.42 9.51 27.79
CA ARG A 164 5.94 10.51 26.84
C ARG A 164 5.60 9.91 25.48
N TYR A 165 6.28 8.84 25.07
CA TYR A 165 5.85 8.11 23.87
C TYR A 165 4.45 7.51 24.05
N ILE A 166 4.24 6.80 25.17
CA ILE A 166 2.92 6.21 25.41
C ILE A 166 1.88 7.21 25.87
N ALA A 167 2.24 8.47 26.07
CA ALA A 167 1.25 9.51 26.35
C ALA A 167 0.94 10.38 25.14
N ILE A 168 1.85 10.50 24.17
CA ILE A 168 1.68 11.39 23.03
C ILE A 168 1.33 10.62 21.76
N VAL A 169 2.07 9.55 21.46
CA VAL A 169 2.00 8.92 20.14
C VAL A 169 0.66 8.20 19.93
N GLN A 170 0.19 7.48 20.93
CA GLN A 170 -1.09 6.79 20.82
C GLN A 170 -2.25 7.80 20.87
N LYS A 186 7.08 3.60 41.01
CA LYS A 186 7.74 3.18 42.24
C LYS A 186 8.65 1.99 41.99
N ILE A 187 8.12 0.98 41.28
CA ILE A 187 8.89 -0.23 41.00
C ILE A 187 9.98 0.06 39.98
N ILE A 188 9.66 0.80 38.93
CA ILE A 188 10.66 1.11 37.91
C ILE A 188 11.72 2.07 38.41
N CYS A 189 11.42 2.85 39.47
CA CYS A 189 12.45 3.65 40.12
C CYS A 189 13.48 2.76 40.82
N LEU A 190 13.00 1.69 41.47
CA LEU A 190 13.91 0.72 42.06
C LEU A 190 14.65 -0.08 40.99
N VAL A 191 14.05 -0.28 39.82
CA VAL A 191 14.75 -0.91 38.70
C VAL A 191 15.87 -0.01 38.20
N VAL A 192 15.62 1.30 38.12
CA VAL A 192 16.64 2.28 37.75
C VAL A 192 17.77 2.28 38.78
N TRP A 193 17.41 2.23 40.07
CA TRP A 193 18.41 2.17 41.14
C TRP A 193 19.22 0.89 41.08
N GLY A 194 18.59 -0.24 40.73
CA GLY A 194 19.32 -1.49 40.61
C GLY A 194 20.27 -1.51 39.44
N LEU A 195 19.87 -0.94 38.30
CA LEU A 195 20.79 -0.79 37.18
C LEU A 195 21.93 0.16 37.52
N SER A 196 21.63 1.20 38.29
CA SER A 196 22.65 2.13 38.76
C SER A 196 23.66 1.43 39.66
N VAL A 197 23.19 0.58 40.58
CA VAL A 197 24.12 -0.11 41.47
C VAL A 197 24.86 -1.24 40.74
N ILE A 198 24.31 -1.76 39.63
CA ILE A 198 25.06 -2.66 38.77
C ILE A 198 26.22 -1.91 38.10
N ILE A 199 25.95 -0.68 37.64
CA ILE A 199 27.00 0.18 37.10
C ILE A 199 28.02 0.53 38.19
N SER A 200 27.54 0.73 39.42
CA SER A 200 28.41 1.01 40.55
C SER A 200 29.33 -0.17 40.86
N SER A 201 28.81 -1.40 40.73
CA SER A 201 29.66 -2.58 40.90
C SER A 201 30.69 -2.70 39.79
N SER A 202 30.28 -2.42 38.54
CA SER A 202 31.22 -2.56 37.43
C SER A 202 32.29 -1.46 37.43
N THR A 203 32.03 -0.31 38.04
CA THR A 203 33.09 0.66 38.28
C THR A 203 33.75 0.49 39.65
N PHE A 204 33.17 -0.35 40.52
CA PHE A 204 33.82 -0.72 41.77
C PHE A 204 34.95 -1.70 41.52
N VAL A 205 34.77 -2.61 40.56
CA VAL A 205 35.82 -3.58 40.22
C VAL A 205 36.89 -3.00 39.30
N PHE A 206 36.82 -1.72 38.97
CA PHE A 206 37.71 -1.12 37.98
C PHE A 206 38.66 -0.08 38.56
N ASN A 207 38.33 0.52 39.71
CA ASN A 207 39.01 1.71 40.19
C ASN A 207 40.11 1.36 41.17
N GLN A 208 41.27 2.02 41.02
CA GLN A 208 42.45 1.81 41.83
C GLN A 208 43.33 3.04 41.70
N LYS A 209 43.99 3.43 42.79
CA LYS A 209 44.89 4.59 42.79
C LYS A 209 46.21 4.18 42.16
N TYR A 210 46.39 4.51 40.87
CA TYR A 210 47.64 4.25 40.17
C TYR A 210 48.53 5.48 40.32
N ASN A 211 49.53 5.40 41.20
CA ASN A 211 50.45 6.52 41.43
C ASN A 211 51.46 6.56 40.28
N THR A 212 51.06 7.23 39.20
CA THR A 212 51.89 7.35 38.02
C THR A 212 52.68 8.65 38.05
N GLN A 213 53.95 8.57 37.65
CA GLN A 213 54.89 9.69 37.57
C GLN A 213 55.08 10.39 38.92
N GLY A 214 55.02 9.63 40.01
CA GLY A 214 55.25 10.16 41.33
C GLY A 214 54.08 10.88 41.96
N SER A 215 52.95 10.97 41.27
CA SER A 215 51.75 11.65 41.77
C SER A 215 50.66 10.61 41.98
N ASP A 216 50.14 10.55 43.20
CA ASP A 216 49.14 9.54 43.57
C ASP A 216 47.74 10.05 43.22
N VAL A 217 47.47 10.08 41.92
CA VAL A 217 46.14 10.41 41.42
C VAL A 217 45.27 9.15 41.46
N CYS A 218 43.96 9.33 41.29
CA CYS A 218 43.02 8.22 41.27
C CYS A 218 42.36 8.20 39.89
N GLU A 219 42.98 7.48 38.96
CA GLU A 219 42.45 7.29 37.62
C GLU A 219 42.30 5.81 37.33
N PRO A 220 41.18 5.37 36.77
CA PRO A 220 41.01 3.96 36.43
C PRO A 220 41.72 3.63 35.13
N LYS A 221 42.66 2.68 35.19
CA LYS A 221 43.44 2.30 34.02
C LYS A 221 43.89 0.85 34.18
N TYR A 222 44.36 0.28 33.08
CA TYR A 222 44.98 -1.04 33.10
C TYR A 222 46.50 -0.93 33.09
N ARG A 230 40.81 -9.47 31.14
CA ARG A 230 40.37 -9.52 29.76
C ARG A 230 38.85 -9.56 29.66
N TRP A 231 38.22 -10.30 30.58
CA TRP A 231 36.77 -10.39 30.59
C TRP A 231 36.13 -9.11 31.11
N LYS A 232 36.82 -8.39 31.99
CA LYS A 232 36.26 -7.16 32.56
C LYS A 232 36.18 -6.06 31.52
N LEU A 233 37.19 -5.95 30.66
CA LEU A 233 37.18 -4.96 29.60
C LEU A 233 36.08 -5.26 28.58
N LEU A 234 35.87 -6.54 28.27
CA LEU A 234 34.81 -6.91 27.34
C LEU A 234 33.43 -6.71 27.95
N MET A 235 33.29 -6.96 29.25
CA MET A 235 32.03 -6.71 29.94
C MET A 235 31.72 -5.22 29.98
N LEU A 236 32.74 -4.39 30.24
CA LEU A 236 32.58 -2.94 30.20
C LEU A 236 32.25 -2.45 28.80
N GLY A 237 32.87 -3.07 27.78
CA GLY A 237 32.57 -2.70 26.41
C GLY A 237 31.16 -3.05 25.98
N LEU A 238 30.66 -4.22 26.37
CA LEU A 238 29.29 -4.58 26.02
C LEU A 238 28.28 -3.78 26.82
N GLU A 239 28.59 -3.43 28.07
CA GLU A 239 27.71 -2.56 28.84
C GLU A 239 27.67 -1.15 28.26
N LEU A 240 28.82 -0.64 27.81
CA LEU A 240 28.88 0.64 27.11
C LEU A 240 28.09 0.59 25.81
N LEU A 241 28.22 -0.51 25.06
CA LEU A 241 27.51 -0.66 23.79
C LEU A 241 26.00 -0.68 24.01
N PHE A 242 25.54 -1.41 25.03
CA PHE A 242 24.11 -1.44 25.34
C PHE A 242 23.62 -0.07 25.79
N GLY A 243 24.25 0.50 26.83
CA GLY A 243 23.85 1.75 27.44
C GLY A 243 24.22 3.00 26.66
N PHE A 244 24.81 2.85 25.49
CA PHE A 244 24.96 3.96 24.56
C PHE A 244 24.19 3.79 23.26
N PHE A 245 24.18 2.59 22.68
CA PHE A 245 23.50 2.40 21.41
C PHE A 245 21.99 2.30 21.58
N ILE A 246 21.51 1.68 22.65
CA ILE A 246 20.06 1.61 22.85
C ILE A 246 19.49 2.96 23.32
N PRO A 247 19.92 3.56 24.46
CA PRO A 247 19.16 4.73 24.94
C PRO A 247 19.40 6.01 24.16
N LEU A 248 20.60 6.26 23.64
CA LEU A 248 20.84 7.52 22.89
C LEU A 248 20.08 7.53 21.57
N MET A 249 20.16 6.43 20.83
CA MET A 249 19.36 6.33 19.60
C MET A 249 17.87 6.24 19.91
N PHE A 250 17.52 5.73 21.09
CA PHE A 250 16.12 5.74 21.51
C PHE A 250 15.66 7.18 21.77
N MET A 251 16.53 8.01 22.37
CA MET A 251 16.22 9.43 22.54
C MET A 251 16.04 10.10 21.19
N ILE A 252 16.94 9.80 20.25
CA ILE A 252 16.88 10.42 18.92
C ILE A 252 15.58 10.04 18.21
N PHE A 253 15.24 8.75 18.23
CA PHE A 253 14.04 8.26 17.57
C PHE A 253 12.77 8.81 18.21
N CYS A 254 12.66 8.74 19.54
CA CYS A 254 11.43 9.16 20.21
C CYS A 254 11.25 10.67 20.17
N TYR A 255 12.34 11.42 20.32
CA TYR A 255 12.20 12.87 20.32
C TYR A 255 12.01 13.43 18.92
N THR A 256 12.61 12.82 17.88
CA THR A 256 12.26 13.22 16.52
C THR A 256 10.85 12.81 16.16
N ALA A 257 10.36 11.67 16.68
CA ALA A 257 8.97 11.28 16.47
C ALA A 257 8.01 12.26 17.15
N ILE A 258 8.37 12.74 18.35
CA ILE A 258 7.50 13.69 19.05
C ILE A 258 7.52 15.05 18.36
N VAL A 259 8.70 15.55 17.98
CA VAL A 259 8.75 16.85 17.31
C VAL A 259 8.34 16.79 15.85
N LYS A 260 8.15 15.60 15.28
CA LYS A 260 7.44 15.47 14.01
C LYS A 260 5.98 15.12 14.20
N THR A 261 5.55 14.81 15.42
CA THR A 261 4.16 14.58 15.74
C THR A 261 3.46 15.86 16.18
N LEU A 262 4.02 16.53 17.19
CA LEU A 262 3.42 17.75 17.72
C LEU A 262 3.58 18.95 16.79
N ARG A 263 4.55 18.93 15.88
CA ARG A 263 4.60 19.95 14.84
C ARG A 263 3.58 19.70 13.74
N ARG A 264 3.36 18.44 13.38
CA ARG A 264 2.39 18.12 12.33
C ARG A 264 0.95 18.26 12.83
N GLN A 265 0.70 17.98 14.11
CA GLN A 265 -0.61 18.22 14.68
C GLN A 265 -0.94 19.71 14.72
N LEU A 266 0.05 20.53 15.04
CA LEU A 266 -0.12 21.97 14.96
C LEU A 266 -0.24 22.44 13.51
N ALA A 267 0.47 21.76 12.60
CA ALA A 267 0.34 22.08 11.18
C ALA A 267 -1.02 21.68 10.64
N ASP A 268 -1.56 20.54 11.10
CA ASP A 268 -2.85 20.06 10.62
C ASP A 268 -4.00 20.97 11.06
N LEU A 269 -3.83 21.69 12.16
CA LEU A 269 -4.82 22.69 12.55
C LEU A 269 -4.62 24.02 11.82
N GLU A 270 -3.52 24.16 11.08
CA GLU A 270 -3.25 25.42 10.40
C GLU A 270 -3.89 25.45 9.01
N ASP A 271 -3.65 24.42 8.18
CA ASP A 271 -4.29 24.38 6.88
C ASP A 271 -5.77 24.06 6.95
N ASN A 272 -6.23 23.41 8.02
CA ASN A 272 -7.66 23.21 8.18
C ASN A 272 -8.37 24.52 8.52
N TRP A 273 -7.72 25.40 9.27
CA TRP A 273 -8.26 26.73 9.47
C TRP A 273 -8.03 27.62 8.26
N GLU A 274 -7.04 27.29 7.43
CA GLU A 274 -6.73 28.11 6.26
C GLU A 274 -7.78 27.92 5.17
N THR A 275 -8.01 26.67 4.75
CA THR A 275 -8.94 26.42 3.66
C THR A 275 -10.39 26.54 4.09
N LEU A 276 -10.67 26.51 5.39
CA LEU A 276 -12.01 26.88 5.85
C LEU A 276 -12.21 28.39 5.76
N ASN A 277 -11.14 29.16 5.78
CA ASN A 277 -11.22 30.61 5.68
C ASN A 277 -10.94 31.12 4.27
N ASP A 278 -9.99 30.50 3.56
CA ASP A 278 -9.64 30.96 2.22
C ASP A 278 -10.73 30.62 1.21
N ASN A 279 -11.27 29.40 1.27
CA ASN A 279 -12.28 28.97 0.32
C ASN A 279 -13.64 29.60 0.59
N LEU A 280 -13.88 30.08 1.81
CA LEU A 280 -15.08 30.86 2.07
C LEU A 280 -15.03 32.20 1.35
N LYS A 281 -13.83 32.75 1.15
CA LYS A 281 -13.68 33.96 0.35
C LYS A 281 -13.87 33.67 -1.14
N VAL A 282 -13.57 32.45 -1.57
CA VAL A 282 -13.78 32.07 -2.96
C VAL A 282 -15.26 31.96 -3.29
N ILE A 283 -16.06 31.46 -2.33
CA ILE A 283 -17.50 31.30 -2.53
C ILE A 283 -18.18 32.65 -2.73
N GLU A 284 -17.79 33.66 -1.94
CA GLU A 284 -18.32 35.01 -2.12
C GLU A 284 -17.82 35.66 -3.41
N LYS A 285 -16.75 35.14 -4.01
CA LYS A 285 -16.26 35.58 -5.30
C LYS A 285 -16.62 34.62 -6.43
N ALA A 286 -17.63 33.77 -6.23
CA ALA A 286 -17.97 32.72 -7.18
C ALA A 286 -19.32 32.97 -7.84
N ASP A 287 -19.61 34.22 -8.18
CA ASP A 287 -20.74 34.54 -9.05
C ASP A 287 -20.32 34.64 -10.51
N ASN A 288 -19.03 34.41 -10.80
CA ASN A 288 -18.51 34.61 -12.15
C ASN A 288 -18.73 33.38 -13.03
N ALA A 289 -18.15 32.24 -12.66
CA ALA A 289 -18.13 31.08 -13.55
C ALA A 289 -18.40 29.78 -12.81
N ALA A 290 -19.24 29.83 -11.76
CA ALA A 290 -19.73 28.68 -11.00
C ALA A 290 -18.60 27.86 -10.39
N GLN A 291 -17.79 28.54 -9.57
CA GLN A 291 -16.76 27.89 -8.77
C GLN A 291 -17.25 27.53 -7.37
N VAL A 292 -18.56 27.50 -7.17
CA VAL A 292 -19.13 27.16 -5.86
C VAL A 292 -18.88 25.69 -5.55
N LYS A 293 -19.16 24.80 -6.51
CA LYS A 293 -19.05 23.36 -6.29
C LYS A 293 -17.60 22.92 -6.11
N ASP A 294 -16.66 23.62 -6.73
CA ASP A 294 -15.25 23.32 -6.52
C ASP A 294 -14.77 23.78 -5.15
N ALA A 295 -15.44 24.79 -4.57
CA ALA A 295 -14.93 25.42 -3.36
C ALA A 295 -15.32 24.65 -2.10
N LEU A 296 -16.61 24.30 -1.97
CA LEU A 296 -17.06 23.62 -0.75
C LEU A 296 -16.57 22.19 -0.65
N THR A 297 -16.22 21.55 -1.78
CA THR A 297 -15.65 20.21 -1.70
C THR A 297 -14.25 20.24 -1.08
N LYS A 298 -13.53 21.34 -1.24
CA LYS A 298 -12.29 21.52 -0.49
C LYS A 298 -12.58 21.73 0.98
N MET A 299 -13.66 22.44 1.31
CA MET A 299 -14.06 22.62 2.70
C MET A 299 -14.71 21.37 3.27
N ARG A 300 -15.33 20.55 2.41
CA ARG A 300 -15.89 19.29 2.86
C ARG A 300 -14.79 18.32 3.28
N ALA A 301 -13.66 18.34 2.59
CA ALA A 301 -12.55 17.46 2.96
C ALA A 301 -11.84 17.97 4.22
N ALA A 302 -11.67 19.29 4.33
CA ALA A 302 -10.91 19.85 5.44
C ALA A 302 -11.66 19.75 6.76
N ALA A 303 -12.95 20.07 6.76
CA ALA A 303 -13.73 20.04 7.98
C ALA A 303 -14.08 18.63 8.43
N LEU A 304 -13.91 17.62 7.57
CA LEU A 304 -13.98 16.24 8.02
C LEU A 304 -12.71 15.84 8.76
N ASP A 305 -11.56 16.37 8.34
CA ASP A 305 -10.31 16.07 9.02
C ASP A 305 -10.22 16.77 10.37
N ALA A 306 -10.74 18.00 10.45
CA ALA A 306 -10.72 18.74 11.71
C ALA A 306 -11.67 18.16 12.74
N GLN A 307 -12.71 17.44 12.32
CA GLN A 307 -13.54 16.72 13.26
C GLN A 307 -12.82 15.49 13.81
N LYS A 308 -11.88 14.94 13.04
CA LYS A 308 -11.14 13.75 13.43
C LYS A 308 -9.82 14.08 14.14
N ALA A 309 -9.55 15.35 14.40
CA ALA A 309 -8.33 15.75 15.09
C ALA A 309 -8.66 16.43 16.42
N SER A 321 -17.39 12.25 27.17
CA SER A 321 -17.35 13.54 27.84
C SER A 321 -18.35 14.52 27.22
N PRO A 322 -19.03 15.30 28.07
CA PRO A 322 -19.93 16.34 27.55
C PRO A 322 -19.21 17.41 26.73
N GLU A 323 -17.96 17.73 27.08
CA GLU A 323 -17.18 18.65 26.25
C GLU A 323 -16.73 17.99 24.95
N MET A 324 -16.54 16.66 24.97
CA MET A 324 -16.21 15.95 23.74
C MET A 324 -17.42 15.85 22.82
N LYS A 325 -18.63 15.86 23.37
CA LYS A 325 -19.83 15.86 22.54
C LYS A 325 -19.96 17.17 21.77
N ASP A 326 -19.64 18.30 22.40
CA ASP A 326 -19.74 19.59 21.73
C ASP A 326 -18.65 19.79 20.69
N PHE A 327 -17.53 19.08 20.81
CA PHE A 327 -16.48 19.19 19.79
C PHE A 327 -16.90 18.52 18.50
N ARG A 328 -17.50 17.34 18.57
CA ARG A 328 -17.93 16.64 17.37
C ARG A 328 -19.20 17.26 16.79
N HIS A 329 -20.12 17.71 17.67
CA HIS A 329 -21.39 18.25 17.20
C HIS A 329 -21.22 19.59 16.52
N GLY A 330 -20.18 20.35 16.84
CA GLY A 330 -19.93 21.62 16.18
C GLY A 330 -19.56 21.48 14.71
N PHE A 331 -19.08 20.30 14.30
CA PHE A 331 -18.74 20.04 12.91
C PHE A 331 -19.84 19.34 12.14
N ASP A 332 -20.83 18.76 12.83
CA ASP A 332 -21.92 18.09 12.12
C ASP A 332 -22.85 19.10 11.43
N ILE A 333 -23.08 20.26 12.06
CA ILE A 333 -23.84 21.30 11.38
C ILE A 333 -22.94 22.12 10.45
N LEU A 334 -21.62 22.09 10.64
CA LEU A 334 -20.73 22.82 9.74
C LEU A 334 -20.71 22.21 8.34
N VAL A 335 -20.54 20.88 8.26
CA VAL A 335 -20.68 20.22 6.96
C VAL A 335 -22.10 19.76 6.70
N GLY A 336 -23.00 19.87 7.67
CA GLY A 336 -24.42 19.71 7.40
C GLY A 336 -25.04 20.90 6.71
N GLN A 337 -24.34 22.03 6.67
CA GLN A 337 -24.70 23.16 5.83
C GLN A 337 -23.70 23.37 4.69
N ILE A 338 -22.69 22.51 4.57
CA ILE A 338 -21.88 22.49 3.36
C ILE A 338 -22.61 21.74 2.25
N ASP A 339 -23.14 20.56 2.57
CA ASP A 339 -23.94 19.83 1.59
C ASP A 339 -25.29 20.48 1.34
N ASP A 340 -25.79 21.26 2.31
CA ASP A 340 -26.96 22.09 2.05
C ASP A 340 -26.66 23.19 1.05
N ALA A 341 -25.43 23.69 1.05
CA ALA A 341 -24.99 24.63 0.03
C ALA A 341 -24.36 23.92 -1.17
N LEU A 342 -24.27 22.60 -1.13
CA LEU A 342 -23.88 21.81 -2.31
C LEU A 342 -25.08 21.21 -3.02
N LYS A 343 -26.16 20.90 -2.30
CA LYS A 343 -27.41 20.51 -2.93
C LYS A 343 -27.97 21.66 -3.76
N LEU A 344 -27.90 22.87 -3.23
CA LEU A 344 -28.32 24.07 -3.96
C LEU A 344 -27.30 24.50 -5.00
N ALA A 345 -26.08 23.98 -4.95
CA ALA A 345 -25.11 24.21 -6.00
C ALA A 345 -25.26 23.25 -7.17
N ASN A 346 -25.82 22.06 -6.93
CA ASN A 346 -26.05 21.12 -8.01
C ASN A 346 -27.19 21.59 -8.92
N GLU A 347 -28.20 22.25 -8.34
CA GLU A 347 -29.36 22.70 -9.09
C GLU A 347 -29.14 24.05 -9.76
N GLY A 348 -27.96 24.65 -9.61
CA GLY A 348 -27.67 25.93 -10.23
C GLY A 348 -28.07 27.15 -9.43
N LYS A 349 -28.63 26.97 -8.23
CA LYS A 349 -29.04 28.08 -7.38
C LYS A 349 -27.79 28.66 -6.71
N VAL A 350 -27.08 29.50 -7.48
CA VAL A 350 -25.87 30.14 -6.97
C VAL A 350 -26.24 31.21 -5.93
N LYS A 351 -27.35 31.92 -6.15
CA LYS A 351 -27.79 32.95 -5.22
C LYS A 351 -28.19 32.35 -3.87
N GLU A 352 -28.89 31.20 -3.89
CA GLU A 352 -29.21 30.53 -2.64
C GLU A 352 -28.04 29.74 -2.09
N ALA A 353 -27.00 29.50 -2.89
CA ALA A 353 -25.77 28.94 -2.35
C ALA A 353 -25.03 29.96 -1.49
N GLN A 354 -25.06 31.23 -1.91
CA GLN A 354 -24.46 32.29 -1.11
C GLN A 354 -25.26 32.56 0.16
N ALA A 355 -26.58 32.35 0.11
CA ALA A 355 -27.41 32.50 1.31
C ALA A 355 -27.09 31.44 2.35
N ALA A 356 -26.80 30.22 1.90
CA ALA A 356 -26.32 29.19 2.81
C ALA A 356 -24.83 29.31 3.10
N ALA A 357 -24.11 30.15 2.35
CA ALA A 357 -22.72 30.46 2.68
C ALA A 357 -22.60 31.50 3.79
N GLU A 358 -23.65 32.30 4.00
CA GLU A 358 -23.66 33.21 5.15
C GLU A 358 -23.79 32.44 6.46
N GLN A 359 -24.47 31.29 6.43
CA GLN A 359 -24.57 30.42 7.59
C GLN A 359 -23.30 29.61 7.82
N LEU A 360 -22.37 29.60 6.87
CA LEU A 360 -21.09 28.93 7.06
C LEU A 360 -20.25 29.67 8.10
N LYS A 361 -20.29 31.00 8.08
CA LYS A 361 -19.47 31.79 9.00
C LYS A 361 -20.04 31.76 10.41
N THR A 362 -21.36 31.58 10.54
CA THR A 362 -22.02 31.61 11.84
C THR A 362 -21.63 30.41 12.70
N THR A 363 -21.59 29.22 12.10
CA THR A 363 -21.15 28.05 12.84
C THR A 363 -19.63 28.04 13.00
N ARG A 364 -18.92 28.69 12.07
CA ARG A 364 -17.47 28.81 12.15
C ARG A 364 -17.02 29.63 13.35
N ASN A 365 -17.78 30.66 13.73
CA ASN A 365 -17.45 31.48 14.88
C ASN A 365 -18.02 30.92 16.17
N ALA A 366 -19.23 30.37 16.14
CA ALA A 366 -19.88 29.94 17.37
C ALA A 366 -19.51 28.52 17.78
N TYR A 367 -18.95 27.72 16.88
CA TYR A 367 -18.64 26.33 17.22
C TYR A 367 -17.22 25.93 16.87
N ILE A 368 -16.64 26.55 15.84
CA ILE A 368 -15.35 26.10 15.31
C ILE A 368 -14.21 26.96 15.83
N GLN A 369 -14.34 28.29 15.75
CA GLN A 369 -13.30 29.19 16.23
C GLN A 369 -13.13 29.14 17.74
N LYS A 370 -14.18 28.76 18.47
CA LYS A 370 -14.06 28.57 19.91
C LYS A 370 -13.20 27.35 20.24
N TYR A 371 -13.40 26.24 19.51
CA TYR A 371 -12.70 25.00 19.82
C TYR A 371 -11.39 24.83 19.06
N LEU A 372 -11.20 25.55 17.95
CA LEU A 372 -9.89 25.51 17.30
C LEU A 372 -8.85 26.30 18.10
N GLU A 373 -9.26 27.39 18.74
CA GLU A 373 -8.36 28.11 19.63
C GLU A 373 -8.11 27.33 20.90
N ARG A 374 -9.16 26.69 21.44
CA ARG A 374 -9.04 25.88 22.66
C ARG A 374 -8.15 24.66 22.45
N ALA A 375 -8.19 24.08 21.26
CA ALA A 375 -7.26 23.00 20.94
C ALA A 375 -5.86 23.52 20.66
N ARG A 376 -5.74 24.78 20.20
CA ARG A 376 -4.43 25.34 19.91
C ARG A 376 -3.66 25.65 21.17
N SER A 377 -4.37 26.10 22.23
CA SER A 377 -3.71 26.42 23.48
C SER A 377 -3.25 25.16 24.21
N THR A 378 -4.05 24.09 24.13
CA THR A 378 -3.66 22.83 24.75
C THR A 378 -2.51 22.17 24.00
N LEU A 379 -2.51 22.31 22.67
CA LEU A 379 -1.40 21.77 21.88
C LEU A 379 -0.12 22.56 22.09
N GLN A 380 -0.23 23.89 22.24
CA GLN A 380 0.95 24.70 22.52
C GLN A 380 1.44 24.55 23.95
N LYS A 381 0.57 24.10 24.86
CA LYS A 381 1.00 23.84 26.22
C LYS A 381 1.86 22.58 26.30
N GLU A 382 1.45 21.52 25.59
CA GLU A 382 2.19 20.27 25.63
C GLU A 382 3.45 20.31 24.78
N VAL A 383 3.57 21.27 23.85
CA VAL A 383 4.79 21.38 23.06
C VAL A 383 5.84 22.21 23.78
N LYS A 384 5.46 22.95 24.82
CA LYS A 384 6.44 23.66 25.65
C LYS A 384 6.96 22.79 26.78
N ALA A 385 6.15 21.84 27.26
CA ALA A 385 6.64 20.87 28.25
C ALA A 385 7.62 19.91 27.61
N ILE A 386 7.50 19.67 26.30
CA ILE A 386 8.50 18.89 25.58
C ILE A 386 9.82 19.64 25.52
N ARG A 387 9.76 20.97 25.38
CA ARG A 387 10.97 21.80 25.33
C ARG A 387 11.75 21.76 26.65
N VAL A 388 11.05 21.56 27.77
CA VAL A 388 11.75 21.32 29.04
C VAL A 388 12.40 19.95 29.03
N ILE A 389 11.68 18.93 28.53
CA ILE A 389 12.19 17.56 28.50
C ILE A 389 13.34 17.45 27.50
N ILE A 390 13.24 18.15 26.37
CA ILE A 390 14.33 18.17 25.39
C ILE A 390 15.58 18.83 25.97
N ALA A 391 15.39 19.92 26.73
CA ALA A 391 16.53 20.66 27.25
C ALA A 391 17.25 19.90 28.37
N VAL A 392 16.51 19.20 29.23
CA VAL A 392 17.18 18.41 30.27
C VAL A 392 17.82 17.16 29.70
N VAL A 393 17.40 16.70 28.53
CA VAL A 393 18.06 15.57 27.88
C VAL A 393 19.32 16.03 27.15
N LEU A 394 19.19 17.09 26.34
CA LEU A 394 20.27 17.53 25.47
C LEU A 394 21.44 18.15 26.23
N VAL A 395 21.20 18.66 27.45
CA VAL A 395 22.31 19.17 28.25
C VAL A 395 22.89 18.08 29.15
N PHE A 396 22.17 16.96 29.34
CA PHE A 396 22.73 15.81 30.02
C PHE A 396 23.68 15.04 29.11
N LEU A 397 23.57 15.23 27.80
CA LEU A 397 24.49 14.65 26.84
C LEU A 397 25.53 15.64 26.34
N ALA A 398 25.43 16.91 26.73
CA ALA A 398 26.43 17.90 26.39
C ALA A 398 27.38 18.19 27.56
N CYS A 399 27.10 17.65 28.74
CA CYS A 399 27.91 17.89 29.93
C CYS A 399 28.59 16.63 30.46
N GLN A 400 27.83 15.57 30.72
CA GLN A 400 28.38 14.36 31.31
C GLN A 400 28.88 13.35 30.29
N ILE A 401 28.53 13.52 29.01
CA ILE A 401 28.98 12.62 27.95
C ILE A 401 30.39 12.96 27.44
N PRO A 402 30.77 14.22 27.12
CA PRO A 402 32.16 14.45 26.67
C PRO A 402 33.22 14.22 27.73
N HIS A 403 32.86 14.30 29.02
CA HIS A 403 33.80 13.89 30.06
C HIS A 403 33.95 12.38 30.10
N ASN A 404 32.89 11.64 29.75
CA ASN A 404 32.96 10.19 29.78
C ASN A 404 33.74 9.63 28.60
N MET A 405 33.63 10.27 27.43
CA MET A 405 34.36 9.79 26.26
C MET A 405 35.85 10.12 26.33
N VAL A 406 36.25 11.06 27.18
CA VAL A 406 37.67 11.33 27.37
C VAL A 406 38.25 10.48 28.51
N LEU A 407 37.40 9.88 29.35
CA LEU A 407 37.90 8.95 30.36
C LEU A 407 38.26 7.61 29.75
N LEU A 408 37.57 7.21 28.69
CA LEU A 408 37.80 5.89 28.08
C LEU A 408 39.05 5.89 27.21
N VAL A 409 39.33 6.99 26.51
CA VAL A 409 40.51 7.04 25.65
C VAL A 409 41.78 7.16 26.51
N THR A 410 41.70 7.84 27.65
CA THR A 410 42.84 7.93 28.55
C THR A 410 43.01 6.67 29.41
N ALA A 411 42.03 5.77 29.41
CA ALA A 411 42.17 4.49 30.09
C ALA A 411 42.61 3.38 29.15
N ALA A 412 42.23 3.45 27.87
CA ALA A 412 42.65 2.45 26.91
C ALA A 412 44.13 2.59 26.56
N ASN A 413 44.59 3.82 26.37
CA ASN A 413 46.00 4.07 26.07
C ASN A 413 46.83 4.12 27.34
N ILE A 427 47.48 17.52 25.75
CA ILE A 427 46.21 16.82 25.70
C ILE A 427 45.57 16.83 27.10
N ALA A 428 46.34 17.25 28.09
CA ALA A 428 45.83 17.36 29.45
C ALA A 428 44.83 18.51 29.60
N TYR A 429 44.92 19.53 28.75
CA TYR A 429 43.94 20.61 28.77
C TYR A 429 42.58 20.15 28.25
N THR A 430 42.58 19.17 27.34
CA THR A 430 41.31 18.57 26.92
C THR A 430 40.71 17.74 28.05
N LYS A 431 41.56 17.10 28.86
CA LYS A 431 41.07 16.42 30.05
C LYS A 431 40.57 17.41 31.10
N THR A 432 41.26 18.55 31.23
CA THR A 432 40.90 19.53 32.25
C THR A 432 39.60 20.24 31.91
N VAL A 433 39.35 20.50 30.63
CA VAL A 433 38.13 21.22 30.24
C VAL A 433 36.92 20.29 30.34
N THR A 434 37.14 18.97 30.30
CA THR A 434 36.03 18.04 30.45
C THR A 434 35.77 17.70 31.92
N GLU A 435 36.82 17.78 32.76
CA GLU A 435 36.67 17.44 34.18
C GLU A 435 35.92 18.51 34.96
N VAL A 436 35.70 19.69 34.39
CA VAL A 436 34.84 20.69 35.03
C VAL A 436 33.46 20.73 34.41
N LEU A 437 33.20 19.95 33.36
CA LEU A 437 31.94 20.05 32.62
C LEU A 437 30.89 19.12 33.21
N ALA A 438 31.24 17.85 33.45
CA ALA A 438 30.28 16.90 34.01
C ALA A 438 29.93 17.21 35.44
N PHE A 439 30.91 17.70 36.22
CA PHE A 439 30.66 18.06 37.61
C PHE A 439 29.85 19.33 37.74
N LEU A 440 29.80 20.16 36.70
CA LEU A 440 28.96 21.35 36.69
C LEU A 440 27.48 21.01 36.54
N HIS A 441 27.15 19.79 36.09
CA HIS A 441 25.78 19.46 35.75
C HIS A 441 24.94 19.19 36.99
N CYS A 442 25.58 19.00 38.16
CA CYS A 442 24.82 18.80 39.39
C CYS A 442 24.06 20.06 39.79
N CYS A 443 24.69 21.22 39.63
CA CYS A 443 24.05 22.50 39.94
C CYS A 443 23.35 23.12 38.74
N LEU A 444 23.61 22.63 37.52
CA LEU A 444 23.08 23.27 36.33
C LEU A 444 21.61 22.91 36.08
N ASN A 445 21.12 21.82 36.68
CA ASN A 445 19.72 21.46 36.50
C ASN A 445 18.72 22.46 37.10
N PRO A 446 18.87 22.96 38.35
CA PRO A 446 17.93 24.00 38.79
C PRO A 446 18.10 25.34 38.10
N VAL A 447 19.23 25.59 37.44
CA VAL A 447 19.38 26.79 36.63
C VAL A 447 18.46 26.73 35.41
N LEU A 448 18.39 25.56 34.77
CA LEU A 448 17.59 25.37 33.58
C LEU A 448 16.09 25.30 33.87
N TYR A 449 15.70 25.04 35.11
CA TYR A 449 14.29 24.85 35.43
C TYR A 449 13.54 26.17 35.55
N ALA A 450 14.20 27.21 36.07
CA ALA A 450 13.54 28.48 36.27
C ALA A 450 13.38 29.27 34.97
N PHE A 451 14.33 29.15 34.05
CA PHE A 451 14.35 29.99 32.86
C PHE A 451 13.83 29.28 31.61
N ILE A 452 13.48 27.99 31.71
CA ILE A 452 12.89 27.28 30.58
C ILE A 452 11.59 26.64 31.03
N GLY A 453 11.64 25.92 32.15
CA GLY A 453 10.46 25.22 32.65
C GLY A 453 9.41 26.19 33.15
N GLN A 454 8.27 26.26 32.46
CA GLN A 454 7.23 27.23 32.79
C GLN A 454 6.46 26.87 34.05
N LYS A 455 6.40 25.59 34.41
CA LYS A 455 5.70 25.21 35.63
C LYS A 455 6.47 25.63 36.87
N PHE A 456 7.79 25.41 36.88
CA PHE A 456 8.60 25.72 38.06
C PHE A 456 8.68 27.22 38.31
N ARG A 457 8.59 28.03 37.25
CA ARG A 457 8.63 29.48 37.38
C ARG A 457 7.41 30.04 38.10
N ASN A 458 6.31 29.29 38.16
CA ASN A 458 5.10 29.76 38.83
C ASN A 458 5.25 29.66 40.35
N TYR A 459 5.51 28.45 40.86
CA TYR A 459 5.60 28.28 42.31
C TYR A 459 6.89 28.83 42.91
N PHE A 460 7.92 29.07 42.10
CA PHE A 460 9.12 29.72 42.61
C PHE A 460 8.84 31.18 42.96
N LEU A 461 8.06 31.86 42.13
CA LEU A 461 7.63 33.22 42.46
C LEU A 461 6.58 33.21 43.57
N LYS A 462 5.81 32.13 43.68
CA LYS A 462 4.85 32.01 44.77
C LYS A 462 5.55 31.82 46.11
N ILE A 463 6.64 31.05 46.12
CA ILE A 463 7.41 30.83 47.34
C ILE A 463 8.11 32.12 47.77
N LEU A 464 8.63 32.87 46.81
CA LEU A 464 9.27 34.16 47.10
C LEU A 464 8.27 35.21 47.57
N LYS A 465 6.98 35.06 47.24
CA LYS A 465 5.94 35.96 47.70
C LYS A 465 5.05 35.33 48.75
N ASP A 466 5.52 34.29 49.43
CA ASP A 466 4.74 33.61 50.45
C ASP A 466 4.62 34.45 51.72
N ASP B 21 -14.54 15.42 -10.44
CA ASP B 21 -13.25 16.01 -10.82
C ASP B 21 -12.13 15.44 -9.97
N ILE B 22 -12.47 14.54 -9.05
CA ILE B 22 -11.49 13.86 -8.20
C ILE B 22 -11.22 12.50 -8.82
N GLN B 23 -9.98 12.27 -9.23
CA GLN B 23 -9.56 11.02 -9.85
C GLN B 23 -8.78 10.19 -8.84
N MET B 24 -9.14 8.92 -8.72
CA MET B 24 -8.39 7.97 -7.91
C MET B 24 -7.61 7.05 -8.84
N THR B 25 -6.32 6.94 -8.60
CA THR B 25 -5.46 6.05 -9.38
C THR B 25 -5.08 4.86 -8.50
N GLN B 26 -5.47 3.67 -8.93
CA GLN B 26 -5.03 2.44 -8.29
C GLN B 26 -3.77 1.94 -8.99
N SER B 27 -2.66 1.86 -8.23
CA SER B 27 -1.37 1.61 -8.86
C SER B 27 -1.18 0.18 -9.37
N PRO B 28 -1.45 -0.92 -8.58
CA PRO B 28 -1.28 -2.25 -9.19
C PRO B 28 -2.48 -2.63 -10.05
N SER B 29 -2.28 -2.66 -11.37
CA SER B 29 -3.34 -3.10 -12.27
C SER B 29 -3.62 -4.58 -12.17
N SER B 30 -2.57 -5.41 -12.09
CA SER B 30 -2.73 -6.84 -11.88
C SER B 30 -1.75 -7.27 -10.80
N LEU B 31 -2.26 -8.05 -9.86
CA LEU B 31 -1.49 -8.47 -8.69
C LEU B 31 -1.54 -9.99 -8.58
N SER B 32 -0.37 -10.59 -8.35
CA SER B 32 -0.23 -12.05 -8.32
C SER B 32 0.44 -12.46 -7.02
N ALA B 33 -0.25 -13.28 -6.24
CA ALA B 33 0.31 -13.86 -5.03
C ALA B 33 -0.47 -15.13 -4.68
N SER B 34 0.15 -15.98 -3.87
CA SER B 34 -0.41 -17.26 -3.51
C SER B 34 -1.05 -17.20 -2.13
N VAL B 35 -1.54 -18.36 -1.67
CA VAL B 35 -2.27 -18.43 -0.41
C VAL B 35 -1.29 -18.28 0.75
N GLY B 36 -1.58 -17.35 1.66
CA GLY B 36 -0.74 -17.09 2.80
C GLY B 36 0.15 -15.87 2.66
N ASP B 37 0.23 -15.29 1.47
CA ASP B 37 1.02 -14.09 1.24
C ASP B 37 0.32 -12.88 1.85
N ARG B 38 1.10 -11.82 2.08
CA ARG B 38 0.56 -10.54 2.48
C ARG B 38 0.64 -9.61 1.28
N VAL B 39 -0.49 -9.02 0.90
CA VAL B 39 -0.55 -8.16 -0.27
C VAL B 39 -0.98 -6.76 0.17
N THR B 40 -0.52 -5.77 -0.58
CA THR B 40 -0.91 -4.39 -0.33
C THR B 40 -1.36 -3.77 -1.65
N ILE B 41 -2.41 -2.95 -1.59
CA ILE B 41 -2.94 -2.22 -2.74
C ILE B 41 -3.02 -0.76 -2.34
N THR B 42 -2.43 0.11 -3.16
CA THR B 42 -2.38 1.54 -2.88
C THR B 42 -3.23 2.31 -3.88
N CYS B 43 -3.91 3.34 -3.37
CA CYS B 43 -4.73 4.24 -4.17
C CYS B 43 -4.38 5.67 -3.80
N ARG B 44 -4.44 6.57 -4.78
CA ARG B 44 -4.07 7.95 -4.54
C ARG B 44 -5.13 8.86 -5.15
N ALA B 45 -5.64 9.79 -4.36
CA ALA B 45 -6.62 10.76 -4.83
C ALA B 45 -5.92 11.99 -5.39
N SER B 46 -6.65 12.74 -6.22
CA SER B 46 -6.09 13.96 -6.78
C SER B 46 -6.01 15.07 -5.74
N GLN B 47 -7.14 15.40 -5.12
CA GLN B 47 -7.21 16.34 -4.02
C GLN B 47 -7.27 15.58 -2.71
N SER B 48 -7.44 16.31 -1.62
CA SER B 48 -7.72 15.68 -0.34
C SER B 48 -9.15 15.17 -0.32
N VAL B 49 -9.33 13.94 0.11
CA VAL B 49 -10.65 13.35 0.27
C VAL B 49 -10.91 12.96 1.73
N SER B 50 -10.12 13.51 2.64
CA SER B 50 -10.17 13.31 4.11
C SER B 50 -9.96 11.82 4.39
N SER B 51 -10.75 11.23 5.28
CA SER B 51 -10.71 9.80 5.55
C SER B 51 -11.87 9.06 4.91
N ALA B 52 -12.42 9.60 3.82
CA ALA B 52 -13.57 9.00 3.15
C ALA B 52 -13.12 8.25 1.91
N VAL B 53 -12.64 7.03 2.13
CA VAL B 53 -12.29 6.09 1.08
C VAL B 53 -12.76 4.70 1.51
N ALA B 54 -13.48 4.02 0.61
CA ALA B 54 -13.94 2.66 0.83
C ALA B 54 -13.25 1.72 -0.16
N TRP B 55 -13.19 0.45 0.24
CA TRP B 55 -12.56 -0.60 -0.56
C TRP B 55 -13.58 -1.69 -0.81
N TYR B 56 -13.83 -1.99 -2.09
CA TYR B 56 -14.84 -2.96 -2.48
C TYR B 56 -14.19 -4.19 -3.11
N GLN B 57 -14.75 -5.35 -2.79
CA GLN B 57 -14.33 -6.62 -3.37
C GLN B 57 -15.44 -7.14 -4.26
N GLN B 58 -15.11 -7.37 -5.53
CA GLN B 58 -16.06 -7.90 -6.51
C GLN B 58 -15.53 -9.22 -7.03
N LYS B 59 -16.28 -10.29 -6.76
CA LYS B 59 -16.06 -11.56 -7.43
C LYS B 59 -16.60 -11.48 -8.85
N PRO B 60 -16.03 -12.24 -9.79
CA PRO B 60 -16.54 -12.22 -11.17
C PRO B 60 -17.95 -12.79 -11.26
N GLY B 61 -18.84 -12.01 -11.84
CA GLY B 61 -20.24 -12.38 -11.93
C GLY B 61 -21.06 -12.10 -10.68
N LYS B 62 -20.65 -11.14 -9.86
CA LYS B 62 -21.36 -10.85 -8.62
C LYS B 62 -21.24 -9.37 -8.30
N ALA B 63 -22.12 -8.91 -7.41
CA ALA B 63 -22.09 -7.53 -6.97
C ALA B 63 -20.91 -7.28 -6.04
N PRO B 64 -20.37 -6.06 -6.00
CA PRO B 64 -19.30 -5.75 -5.06
C PRO B 64 -19.78 -5.78 -3.61
N LYS B 65 -18.83 -6.03 -2.70
CA LYS B 65 -19.10 -6.10 -1.28
C LYS B 65 -18.18 -5.11 -0.56
N LEU B 66 -18.71 -4.43 0.44
CA LEU B 66 -17.94 -3.43 1.17
C LEU B 66 -17.05 -4.11 2.19
N LEU B 67 -15.74 -3.85 2.10
CA LEU B 67 -14.77 -4.40 3.05
C LEU B 67 -14.36 -3.38 4.10
N ILE B 68 -13.85 -2.24 3.67
CA ILE B 68 -13.30 -1.20 4.53
C ILE B 68 -14.16 0.04 4.36
N TYR B 69 -14.62 0.62 5.47
CA TYR B 69 -15.29 1.91 5.44
C TYR B 69 -14.51 2.89 6.31
N SER B 70 -14.51 4.16 5.88
CA SER B 70 -13.77 5.27 6.49
C SER B 70 -12.27 5.02 6.52
N ALA B 71 -11.78 4.21 5.58
CA ALA B 71 -10.38 3.92 5.26
C ALA B 71 -9.60 3.20 6.36
N SER B 72 -10.21 2.98 7.52
CA SER B 72 -9.57 2.25 8.60
C SER B 72 -10.45 1.20 9.27
N SER B 73 -11.77 1.35 9.26
CA SER B 73 -12.65 0.46 10.01
C SER B 73 -13.16 -0.64 9.10
N LEU B 74 -12.90 -1.88 9.47
CA LEU B 74 -13.41 -3.01 8.70
C LEU B 74 -14.91 -3.20 8.94
N TYR B 75 -15.61 -3.63 7.90
CA TYR B 75 -17.06 -3.76 7.97
C TYR B 75 -17.47 -4.93 8.87
N SER B 76 -18.65 -4.82 9.46
CA SER B 76 -19.19 -5.86 10.33
C SER B 76 -19.64 -7.02 9.46
N GLY B 77 -18.83 -8.06 9.41
CA GLY B 77 -19.14 -9.24 8.61
C GLY B 77 -17.96 -9.75 7.81
N VAL B 78 -17.07 -8.84 7.42
CA VAL B 78 -15.88 -9.21 6.68
C VAL B 78 -14.86 -9.81 7.65
N PRO B 79 -13.93 -10.65 7.20
CA PRO B 79 -12.90 -11.17 8.11
C PRO B 79 -11.93 -10.07 8.53
N SER B 80 -11.19 -10.39 9.59
CA SER B 80 -10.27 -9.42 10.20
C SER B 80 -8.91 -9.36 9.51
N ARG B 81 -8.69 -10.15 8.47
CA ARG B 81 -7.42 -10.09 7.75
C ARG B 81 -7.30 -8.85 6.88
N PHE B 82 -8.40 -8.18 6.58
CA PHE B 82 -8.40 -6.97 5.78
C PHE B 82 -8.18 -5.76 6.66
N SER B 83 -7.27 -4.89 6.24
CA SER B 83 -6.94 -3.70 7.00
C SER B 83 -6.81 -2.51 6.05
N GLY B 84 -6.95 -1.31 6.61
CA GLY B 84 -6.82 -0.10 5.83
C GLY B 84 -6.01 0.94 6.57
N SER B 85 -5.35 1.80 5.80
CA SER B 85 -4.54 2.87 6.37
C SER B 85 -4.58 4.06 5.44
N ARG B 86 -4.38 5.25 6.01
CA ARG B 86 -4.34 6.48 5.24
C ARG B 86 -3.10 7.27 5.61
N SER B 87 -2.47 7.88 4.61
CA SER B 87 -1.30 8.74 4.78
C SER B 87 -1.49 9.91 3.83
N GLY B 88 -2.02 11.01 4.35
CA GLY B 88 -2.34 12.15 3.52
C GLY B 88 -3.47 11.85 2.55
N THR B 89 -3.11 11.72 1.28
CA THR B 89 -4.05 11.31 0.24
C THR B 89 -3.71 9.93 -0.33
N ASP B 90 -2.87 9.16 0.36
CA ASP B 90 -2.48 7.83 -0.09
C ASP B 90 -3.12 6.79 0.80
N PHE B 91 -3.97 5.95 0.23
CA PHE B 91 -4.75 4.98 0.98
C PHE B 91 -4.26 3.58 0.64
N THR B 92 -4.31 2.69 1.63
CA THR B 92 -3.66 1.39 1.52
C THR B 92 -4.56 0.31 2.11
N LEU B 93 -4.82 -0.74 1.33
CA LEU B 93 -5.52 -1.92 1.79
C LEU B 93 -4.53 -3.07 1.85
N THR B 94 -4.41 -3.70 3.01
CA THR B 94 -3.44 -4.76 3.24
C THR B 94 -4.14 -6.02 3.70
N ILE B 95 -3.90 -7.12 2.98
CA ILE B 95 -4.37 -8.44 3.39
C ILE B 95 -3.17 -9.19 3.94
N SER B 96 -3.21 -9.54 5.23
CA SER B 96 -2.06 -10.15 5.88
C SER B 96 -1.88 -11.60 5.44
N SER B 97 -2.98 -12.35 5.29
CA SER B 97 -2.93 -13.74 4.90
C SER B 97 -3.93 -13.98 3.80
N LEU B 98 -3.44 -14.30 2.60
CA LEU B 98 -4.32 -14.57 1.48
C LEU B 98 -5.02 -15.92 1.65
N GLN B 99 -6.23 -16.00 1.12
CA GLN B 99 -7.05 -17.19 1.19
C GLN B 99 -7.54 -17.51 -0.21
N PRO B 100 -8.03 -18.74 -0.46
CA PRO B 100 -8.66 -19.02 -1.77
C PRO B 100 -9.89 -18.17 -2.07
N GLU B 101 -10.58 -17.66 -1.05
CA GLU B 101 -11.71 -16.78 -1.32
C GLU B 101 -11.26 -15.35 -1.56
N ASP B 102 -9.98 -15.04 -1.35
CA ASP B 102 -9.52 -13.66 -1.42
C ASP B 102 -9.15 -13.26 -2.84
N PHE B 103 -9.17 -14.20 -3.77
CA PHE B 103 -8.86 -13.87 -5.16
C PHE B 103 -10.08 -13.28 -5.86
N ALA B 104 -10.06 -11.96 -6.03
CA ALA B 104 -11.16 -11.22 -6.65
C ALA B 104 -10.65 -9.87 -7.14
N THR B 105 -11.56 -8.96 -7.49
CA THR B 105 -11.18 -7.63 -7.93
C THR B 105 -11.40 -6.63 -6.81
N TYR B 106 -10.49 -5.66 -6.67
CA TYR B 106 -10.54 -4.71 -5.57
C TYR B 106 -10.56 -3.28 -6.10
N TYR B 107 -11.49 -2.48 -5.58
CA TYR B 107 -11.72 -1.11 -6.04
C TYR B 107 -11.57 -0.13 -4.87
N CYS B 108 -10.82 0.94 -5.10
CA CYS B 108 -10.76 2.07 -4.16
C CYS B 108 -11.73 3.15 -4.60
N GLN B 109 -12.38 3.79 -3.62
CA GLN B 109 -13.40 4.78 -3.94
C GLN B 109 -13.38 5.90 -2.93
N GLN B 110 -13.29 7.15 -3.39
CA GLN B 110 -13.52 8.29 -2.53
C GLN B 110 -15.02 8.59 -2.50
N TYR B 111 -15.51 8.99 -1.34
CA TYR B 111 -16.93 9.29 -1.19
C TYR B 111 -17.11 10.59 -0.43
N LEU B 112 -16.42 11.64 -0.91
CA LEU B 112 -16.48 12.95 -0.29
C LEU B 112 -17.88 13.57 -0.35
N TYR B 113 -18.64 13.27 -1.40
CA TYR B 113 -20.01 13.72 -1.52
C TYR B 113 -20.78 12.69 -2.33
N TYR B 114 -22.12 12.77 -2.25
CA TYR B 114 -23.00 11.86 -2.98
C TYR B 114 -22.81 11.98 -4.49
N SER B 115 -22.61 13.20 -4.98
CA SER B 115 -22.48 13.44 -6.41
C SER B 115 -21.02 13.53 -6.87
N LEU B 116 -20.08 12.99 -6.08
CA LEU B 116 -18.68 13.01 -6.49
C LEU B 116 -17.96 11.71 -6.19
N VAL B 117 -18.67 10.59 -6.15
CA VAL B 117 -18.03 9.29 -5.93
C VAL B 117 -17.36 8.83 -7.21
N THR B 118 -16.07 8.51 -7.11
CA THR B 118 -15.31 7.97 -8.24
C THR B 118 -14.58 6.72 -7.77
N PHE B 119 -14.62 5.68 -8.59
CA PHE B 119 -13.99 4.41 -8.27
C PHE B 119 -12.62 4.30 -8.91
N GLY B 120 -11.82 3.37 -8.40
CA GLY B 120 -10.52 3.10 -8.96
C GLY B 120 -10.60 2.26 -10.21
N GLN B 121 -9.43 2.05 -10.82
CA GLN B 121 -9.36 1.24 -12.04
C GLN B 121 -9.54 -0.24 -11.76
N GLY B 122 -9.26 -0.68 -10.55
CA GLY B 122 -9.43 -2.07 -10.19
C GLY B 122 -8.09 -2.82 -10.13
N THR B 123 -8.02 -3.75 -9.19
CA THR B 123 -6.84 -4.58 -9.03
C THR B 123 -7.32 -6.02 -8.99
N LYS B 124 -6.82 -6.85 -9.91
CA LYS B 124 -7.23 -8.25 -9.98
C LYS B 124 -6.16 -9.09 -9.28
N VAL B 125 -6.56 -9.79 -8.23
CA VAL B 125 -5.65 -10.63 -7.46
C VAL B 125 -5.77 -12.06 -7.97
N GLU B 126 -4.74 -12.51 -8.69
CA GLU B 126 -4.71 -13.84 -9.29
C GLU B 126 -3.85 -14.75 -8.44
N ILE B 127 -3.63 -15.97 -8.92
CA ILE B 127 -2.90 -17.00 -8.20
C ILE B 127 -1.47 -17.03 -8.72
N LYS B 128 -0.50 -16.92 -7.81
CA LYS B 128 0.90 -17.07 -8.17
C LYS B 128 1.18 -18.48 -8.66
N ARG B 129 1.88 -18.60 -9.78
CA ARG B 129 2.04 -19.88 -10.44
C ARG B 129 3.41 -19.93 -11.11
N THR B 130 3.83 -21.17 -11.40
CA THR B 130 5.02 -21.37 -12.20
C THR B 130 4.76 -20.98 -13.65
N VAL B 131 5.80 -20.52 -14.33
CA VAL B 131 5.66 -20.05 -15.70
C VAL B 131 5.54 -21.24 -16.64
N ALA B 132 4.48 -21.25 -17.45
CA ALA B 132 4.26 -22.28 -18.46
C ALA B 132 4.24 -21.64 -19.84
N ALA B 133 4.96 -22.25 -20.78
CA ALA B 133 4.96 -21.80 -22.16
C ALA B 133 3.66 -22.18 -22.87
N PRO B 134 3.16 -21.33 -23.76
CA PRO B 134 1.90 -21.65 -24.45
C PRO B 134 2.06 -22.73 -25.49
N SER B 135 1.03 -23.57 -25.62
CA SER B 135 0.92 -24.52 -26.71
C SER B 135 0.21 -23.83 -27.86
N VAL B 136 0.87 -23.73 -29.01
CA VAL B 136 0.40 -22.91 -30.11
C VAL B 136 -0.14 -23.82 -31.20
N PHE B 137 -1.39 -23.58 -31.59
CA PHE B 137 -2.04 -24.31 -32.67
C PHE B 137 -2.63 -23.31 -33.65
N ILE B 138 -2.70 -23.70 -34.92
CA ILE B 138 -3.29 -22.86 -35.96
C ILE B 138 -4.37 -23.67 -36.68
N PHE B 139 -5.54 -23.08 -36.83
CA PHE B 139 -6.67 -23.68 -37.52
C PHE B 139 -7.01 -22.84 -38.75
N PRO B 140 -6.71 -23.31 -39.95
CA PRO B 140 -7.28 -22.72 -41.15
C PRO B 140 -8.79 -22.92 -41.19
N PRO B 141 -9.53 -22.04 -41.87
CA PRO B 141 -10.98 -22.21 -41.95
C PRO B 141 -11.40 -23.43 -42.74
N SER B 142 -12.50 -24.04 -42.35
CA SER B 142 -13.01 -25.18 -43.09
C SER B 142 -13.60 -24.68 -44.40
N ASP B 143 -13.79 -25.59 -45.36
CA ASP B 143 -14.34 -25.21 -46.64
C ASP B 143 -15.68 -24.52 -46.47
N SER B 144 -16.46 -24.97 -45.49
CA SER B 144 -17.79 -24.41 -45.29
C SER B 144 -17.72 -22.90 -45.15
N GLN B 145 -16.88 -22.42 -44.24
CA GLN B 145 -16.75 -20.98 -44.04
C GLN B 145 -16.10 -20.35 -45.25
N LEU B 146 -15.13 -21.02 -45.84
CA LEU B 146 -14.48 -20.50 -47.03
C LEU B 146 -15.50 -20.32 -48.15
N LYS B 147 -16.33 -21.34 -48.35
CA LYS B 147 -17.36 -21.26 -49.38
C LYS B 147 -18.33 -20.14 -49.06
N SER B 148 -18.50 -19.84 -47.77
CA SER B 148 -19.41 -18.77 -47.37
C SER B 148 -18.97 -17.44 -47.97
N GLY B 149 -17.67 -17.22 -48.07
CA GLY B 149 -17.15 -15.98 -48.61
C GLY B 149 -16.36 -15.21 -47.58
N THR B 150 -16.54 -15.55 -46.31
CA THR B 150 -15.79 -14.91 -45.25
C THR B 150 -15.07 -15.99 -44.48
N ALA B 151 -13.73 -15.87 -44.38
CA ALA B 151 -12.90 -16.88 -43.75
C ALA B 151 -12.26 -16.33 -42.49
N SER B 152 -12.20 -17.18 -41.46
CA SER B 152 -11.56 -16.84 -40.19
C SER B 152 -10.46 -17.86 -39.89
N VAL B 153 -9.27 -17.35 -39.61
CA VAL B 153 -8.12 -18.18 -39.22
C VAL B 153 -7.94 -18.05 -37.71
N VAL B 154 -7.78 -19.19 -37.04
CA VAL B 154 -7.68 -19.21 -35.58
C VAL B 154 -6.26 -19.54 -35.19
N CYS B 155 -5.72 -18.80 -34.23
CA CYS B 155 -4.46 -19.14 -33.59
C CYS B 155 -4.71 -19.29 -32.10
N LEU B 156 -4.64 -20.51 -31.60
CA LEU B 156 -4.95 -20.85 -30.22
C LEU B 156 -3.65 -20.97 -29.44
N LEU B 157 -3.62 -20.32 -28.27
CA LEU B 157 -2.52 -20.42 -27.32
C LEU B 157 -3.11 -21.03 -26.06
N ASN B 158 -2.64 -22.23 -25.69
CA ASN B 158 -3.26 -23.02 -24.64
C ASN B 158 -2.31 -23.19 -23.46
N ASN B 159 -2.83 -22.96 -22.25
CA ASN B 159 -2.21 -23.32 -20.97
C ASN B 159 -0.86 -22.63 -20.78
N PHE B 160 -0.92 -21.30 -20.65
CA PHE B 160 0.27 -20.50 -20.37
C PHE B 160 0.06 -19.62 -19.15
N TYR B 161 1.17 -19.14 -18.61
CA TYR B 161 1.21 -18.22 -17.48
C TYR B 161 2.50 -17.43 -17.62
N PRO B 162 2.49 -16.11 -17.36
CA PRO B 162 1.36 -15.25 -16.97
C PRO B 162 0.46 -14.84 -18.13
N ARG B 163 -0.40 -13.85 -17.92
CA ARG B 163 -1.38 -13.46 -18.93
C ARG B 163 -0.72 -12.74 -20.11
N GLU B 164 0.32 -11.94 -19.85
CA GLU B 164 0.88 -11.01 -20.82
C GLU B 164 1.64 -11.76 -21.91
N ALA B 165 0.96 -11.99 -23.03
CA ALA B 165 1.58 -12.57 -24.22
C ALA B 165 1.00 -11.87 -25.44
N LYS B 166 1.78 -11.80 -26.51
CA LYS B 166 1.33 -11.13 -27.73
C LYS B 166 1.35 -12.10 -28.91
N VAL B 167 0.36 -11.92 -29.78
CA VAL B 167 0.22 -12.67 -31.03
C VAL B 167 0.17 -11.67 -32.18
N GLN B 168 0.92 -11.95 -33.24
CA GLN B 168 0.86 -11.14 -34.44
C GLN B 168 0.64 -12.05 -35.65
N TRP B 169 0.04 -11.48 -36.69
CA TRP B 169 -0.27 -12.21 -37.91
C TRP B 169 0.64 -11.74 -39.03
N LYS B 170 1.36 -12.67 -39.65
CA LYS B 170 2.29 -12.37 -40.73
C LYS B 170 1.80 -13.07 -41.99
N VAL B 171 0.95 -12.38 -42.75
CA VAL B 171 0.43 -12.91 -44.00
C VAL B 171 1.36 -12.49 -45.13
N ASP B 172 1.97 -13.48 -45.79
CA ASP B 172 3.00 -13.29 -46.82
C ASP B 172 4.14 -12.42 -46.30
N ASN B 173 4.58 -12.72 -45.07
CA ASN B 173 5.63 -11.99 -44.33
C ASN B 173 5.31 -10.50 -44.19
N ALA B 174 4.03 -10.18 -43.99
CA ALA B 174 3.59 -8.81 -43.78
C ALA B 174 2.65 -8.78 -42.58
N LEU B 175 2.89 -7.83 -41.67
CA LEU B 175 2.09 -7.74 -40.46
C LEU B 175 0.70 -7.19 -40.75
N GLN B 176 -0.25 -7.59 -39.92
CA GLN B 176 -1.65 -7.18 -40.04
C GLN B 176 -2.06 -6.44 -38.77
N SER B 177 -3.02 -5.53 -38.93
CA SER B 177 -3.52 -4.75 -37.82
C SER B 177 -4.99 -4.42 -38.04
N GLY B 178 -5.77 -4.45 -36.96
CA GLY B 178 -7.17 -4.13 -37.00
C GLY B 178 -8.08 -5.24 -37.49
N ASN B 179 -7.54 -6.43 -37.79
CA ASN B 179 -8.33 -7.54 -38.30
C ASN B 179 -8.28 -8.76 -37.40
N SER B 180 -7.69 -8.66 -36.22
CA SER B 180 -7.54 -9.78 -35.30
C SER B 180 -8.22 -9.46 -33.98
N GLN B 181 -8.99 -10.42 -33.47
CA GLN B 181 -9.69 -10.30 -32.20
C GLN B 181 -9.20 -11.38 -31.26
N GLU B 182 -8.87 -11.00 -30.03
CA GLU B 182 -8.33 -11.92 -29.04
C GLU B 182 -9.32 -12.10 -27.90
N SER B 183 -9.54 -13.34 -27.51
CA SER B 183 -10.38 -13.68 -26.36
C SER B 183 -9.55 -14.52 -25.39
N VAL B 184 -9.49 -14.10 -24.13
CA VAL B 184 -8.65 -14.73 -23.12
C VAL B 184 -9.53 -15.32 -22.03
N THR B 185 -9.36 -16.61 -21.76
CA THR B 185 -10.05 -17.26 -20.66
C THR B 185 -9.31 -16.94 -19.36
N GLU B 186 -10.06 -16.85 -18.26
CA GLU B 186 -9.46 -16.56 -16.96
C GLU B 186 -8.79 -17.81 -16.39
N GLN B 187 -8.43 -17.72 -15.10
CA GLN B 187 -7.68 -18.78 -14.44
C GLN B 187 -8.55 -20.02 -14.25
N ASP B 188 -8.01 -21.19 -14.59
CA ASP B 188 -8.74 -22.44 -14.42
C ASP B 188 -8.72 -22.88 -12.96
N SER B 189 -9.61 -23.82 -12.65
CA SER B 189 -9.68 -24.34 -11.28
C SER B 189 -8.55 -25.31 -10.99
N LYS B 190 -8.13 -26.09 -12.00
CA LYS B 190 -7.15 -27.15 -11.77
C LYS B 190 -5.72 -26.61 -11.81
N ASP B 191 -5.29 -26.08 -12.96
CA ASP B 191 -3.90 -25.69 -13.14
C ASP B 191 -3.67 -24.19 -13.04
N SER B 192 -4.75 -23.38 -13.11
CA SER B 192 -4.71 -21.92 -12.91
C SER B 192 -3.79 -21.22 -13.93
N THR B 193 -4.08 -21.44 -15.21
CA THR B 193 -3.33 -20.84 -16.30
C THR B 193 -4.24 -19.96 -17.14
N TYR B 194 -3.74 -19.49 -18.28
CA TYR B 194 -4.54 -18.71 -19.22
C TYR B 194 -4.55 -19.37 -20.59
N SER B 195 -5.54 -19.02 -21.40
CA SER B 195 -5.61 -19.49 -22.77
C SER B 195 -6.14 -18.38 -23.66
N LEU B 196 -5.56 -18.25 -24.85
CA LEU B 196 -5.87 -17.16 -25.77
C LEU B 196 -6.36 -17.74 -27.09
N SER B 197 -7.14 -16.95 -27.82
CA SER B 197 -7.67 -17.35 -29.12
C SER B 197 -7.71 -16.13 -30.02
N SER B 198 -6.75 -16.02 -30.93
CA SER B 198 -6.69 -14.89 -31.86
C SER B 198 -7.38 -15.30 -33.16
N THR B 199 -8.47 -14.62 -33.50
CA THR B 199 -9.23 -14.90 -34.69
C THR B 199 -9.03 -13.77 -35.70
N LEU B 200 -8.51 -14.11 -36.88
CA LEU B 200 -8.35 -13.17 -37.97
C LEU B 200 -9.47 -13.41 -38.97
N THR B 201 -10.32 -12.40 -39.15
CA THR B 201 -11.53 -12.51 -39.96
C THR B 201 -11.37 -11.63 -41.20
N LEU B 202 -11.49 -12.24 -42.38
CA LEU B 202 -11.23 -11.52 -43.62
C LEU B 202 -12.06 -12.17 -44.73
N SER B 203 -12.08 -11.51 -45.90
CA SER B 203 -12.97 -11.87 -47.00
C SER B 203 -12.43 -13.06 -47.81
N LYS B 204 -13.10 -13.34 -48.93
CA LYS B 204 -12.75 -14.51 -49.73
C LYS B 204 -11.70 -14.17 -50.78
N ALA B 205 -11.90 -13.06 -51.51
CA ALA B 205 -10.96 -12.67 -52.56
C ALA B 205 -9.61 -12.23 -52.02
N ASP B 206 -9.57 -11.71 -50.79
CA ASP B 206 -8.29 -11.37 -50.18
C ASP B 206 -7.57 -12.61 -49.66
N TYR B 207 -8.32 -13.64 -49.24
CA TYR B 207 -7.67 -14.86 -48.78
C TYR B 207 -7.12 -15.65 -49.95
N GLU B 208 -7.83 -15.67 -51.08
CA GLU B 208 -7.33 -16.43 -52.22
C GLU B 208 -6.21 -15.72 -52.97
N LYS B 209 -5.87 -14.48 -52.57
CA LYS B 209 -4.75 -13.73 -53.11
C LYS B 209 -3.44 -14.04 -52.39
N HIS B 210 -3.48 -14.70 -51.24
CA HIS B 210 -2.28 -14.94 -50.43
C HIS B 210 -2.07 -16.43 -50.26
N LYS B 211 -0.81 -16.80 -49.97
CA LYS B 211 -0.39 -18.19 -49.85
C LYS B 211 0.01 -18.55 -48.43
N VAL B 212 0.97 -17.82 -47.86
CA VAL B 212 1.53 -18.15 -46.55
C VAL B 212 0.71 -17.44 -45.48
N TYR B 213 0.22 -18.20 -44.49
CA TYR B 213 -0.50 -17.63 -43.35
C TYR B 213 0.15 -18.11 -42.07
N ALA B 214 0.61 -17.17 -41.25
CA ALA B 214 1.35 -17.49 -40.04
C ALA B 214 0.84 -16.66 -38.88
N CYS B 215 0.89 -17.24 -37.68
CA CYS B 215 0.75 -16.49 -36.45
C CYS B 215 1.99 -16.71 -35.59
N GLU B 216 2.59 -15.61 -35.15
CA GLU B 216 3.82 -15.63 -34.36
C GLU B 216 3.52 -15.09 -32.97
N VAL B 217 3.89 -15.85 -31.95
CA VAL B 217 3.59 -15.51 -30.57
C VAL B 217 4.89 -15.23 -29.82
N THR B 218 4.80 -14.28 -28.88
CA THR B 218 5.86 -13.93 -27.94
C THR B 218 5.30 -14.00 -26.53
N HIS B 219 6.05 -14.63 -25.63
CA HIS B 219 5.65 -14.77 -24.24
C HIS B 219 6.90 -14.63 -23.36
N GLN B 220 6.69 -14.24 -22.10
CA GLN B 220 7.81 -14.04 -21.19
C GLN B 220 8.50 -15.34 -20.81
N GLY B 221 7.83 -16.47 -20.92
CA GLY B 221 8.45 -17.76 -20.70
C GLY B 221 9.05 -18.38 -21.94
N LEU B 222 9.20 -17.60 -23.01
CA LEU B 222 9.56 -18.11 -24.31
C LEU B 222 10.78 -17.37 -24.84
N SER B 223 11.79 -18.13 -25.27
CA SER B 223 13.05 -17.51 -25.69
C SER B 223 12.94 -16.90 -27.07
N SER B 224 12.49 -17.66 -28.05
CA SER B 224 12.35 -17.19 -29.43
C SER B 224 10.91 -17.32 -29.87
N PRO B 225 10.39 -16.35 -30.64
CA PRO B 225 8.95 -16.33 -30.96
C PRO B 225 8.49 -17.51 -31.81
N VAL B 226 7.38 -18.11 -31.41
CA VAL B 226 6.91 -19.34 -32.04
C VAL B 226 5.97 -18.96 -33.17
N THR B 227 6.32 -19.38 -34.39
CA THR B 227 5.50 -19.11 -35.57
C THR B 227 4.88 -20.41 -36.05
N LYS B 228 3.56 -20.44 -36.11
CA LYS B 228 2.84 -21.58 -36.66
C LYS B 228 2.14 -21.12 -37.92
N SER B 229 2.34 -21.87 -39.02
CA SER B 229 1.99 -21.40 -40.34
C SER B 229 1.40 -22.52 -41.17
N PHE B 230 0.70 -22.12 -42.24
CA PHE B 230 0.23 -23.05 -43.25
C PHE B 230 0.25 -22.35 -44.60
N ASN B 231 0.04 -23.15 -45.65
CA ASN B 231 0.19 -22.69 -47.03
C ASN B 231 -1.06 -23.10 -47.81
N ARG B 232 -1.97 -22.15 -48.00
CA ARG B 232 -3.17 -22.38 -48.79
C ARG B 232 -3.71 -21.07 -49.36
N GLN C 21 23.42 0.47 -29.01
CA GLN C 21 24.25 1.03 -27.95
C GLN C 21 24.06 0.27 -26.64
N VAL C 22 23.14 -0.70 -26.66
CA VAL C 22 22.81 -1.47 -25.47
C VAL C 22 23.69 -2.71 -25.43
N GLN C 23 24.49 -2.83 -24.38
CA GLN C 23 25.33 -4.00 -24.16
C GLN C 23 24.99 -4.62 -22.81
N LEU C 24 25.26 -5.90 -22.67
CA LEU C 24 24.90 -6.63 -21.47
C LEU C 24 26.02 -7.61 -21.11
N GLN C 25 26.36 -7.65 -19.81
CA GLN C 25 27.45 -8.50 -19.34
C GLN C 25 27.03 -9.20 -18.05
N GLU C 26 27.43 -10.46 -17.93
CA GLU C 26 27.10 -11.29 -16.78
C GLU C 26 28.39 -11.78 -16.12
N SER C 27 28.29 -12.08 -14.83
CA SER C 27 29.41 -12.55 -14.03
C SER C 27 29.00 -13.79 -13.26
N GLY C 28 29.92 -14.30 -12.45
CA GLY C 28 29.68 -15.51 -11.69
C GLY C 28 29.89 -16.76 -12.51
N GLY C 29 29.53 -17.89 -11.91
CA GLY C 29 29.65 -19.17 -12.57
C GLY C 29 30.67 -20.09 -11.96
N GLY C 30 31.31 -20.91 -12.80
CA GLY C 30 32.36 -21.80 -12.33
C GLY C 30 31.84 -23.15 -11.89
N LEU C 31 32.69 -23.84 -11.12
CA LEU C 31 32.40 -25.18 -10.63
C LEU C 31 31.81 -25.10 -9.23
N VAL C 32 30.65 -25.72 -9.04
CA VAL C 32 29.95 -25.70 -7.75
C VAL C 32 29.66 -27.14 -7.33
N GLN C 33 29.99 -27.46 -6.08
CA GLN C 33 29.67 -28.76 -5.51
C GLN C 33 28.15 -28.94 -5.41
N PRO C 34 27.66 -30.17 -5.58
CA PRO C 34 26.22 -30.43 -5.38
C PRO C 34 25.76 -30.08 -3.97
N GLY C 35 24.58 -29.46 -3.89
CA GLY C 35 24.10 -28.87 -2.66
C GLY C 35 24.64 -27.48 -2.39
N GLY C 36 25.41 -26.91 -3.30
CA GLY C 36 26.06 -25.63 -3.10
C GLY C 36 25.19 -24.44 -3.43
N SER C 37 25.84 -23.32 -3.74
CA SER C 37 25.15 -22.07 -4.00
C SER C 37 25.98 -21.21 -4.94
N LEU C 38 25.31 -20.23 -5.56
CA LEU C 38 25.98 -19.27 -6.42
C LEU C 38 25.13 -18.02 -6.46
N ARG C 39 25.74 -16.89 -6.83
CA ARG C 39 25.01 -15.64 -7.01
C ARG C 39 25.55 -14.94 -8.25
N LEU C 40 24.83 -15.07 -9.37
CA LEU C 40 25.21 -14.41 -10.61
C LEU C 40 24.73 -12.97 -10.61
N SER C 41 25.46 -12.11 -11.31
CA SER C 41 25.09 -10.72 -11.50
C SER C 41 25.05 -10.41 -12.99
N CYS C 42 23.96 -9.77 -13.42
CA CYS C 42 23.75 -9.38 -14.81
C CYS C 42 23.52 -7.88 -14.86
N ALA C 43 24.32 -7.17 -15.67
CA ALA C 43 24.23 -5.72 -15.73
C ALA C 43 24.33 -5.28 -17.19
N ALA C 44 23.55 -4.26 -17.54
CA ALA C 44 23.52 -3.72 -18.89
C ALA C 44 23.97 -2.26 -18.90
N SER C 45 24.74 -1.91 -19.91
CA SER C 45 25.21 -0.56 -20.14
C SER C 45 24.59 0.01 -21.40
N GLY C 46 24.27 1.30 -21.36
CA GLY C 46 23.59 1.97 -22.45
C GLY C 46 22.08 2.00 -22.34
N ARG C 47 21.51 1.30 -21.36
CA ARG C 47 20.07 1.26 -21.17
C ARG C 47 19.79 0.97 -19.70
N THR C 48 18.89 1.74 -19.11
CA THR C 48 18.55 1.59 -17.70
C THR C 48 17.79 0.29 -17.47
N ILE C 49 18.15 -0.43 -16.40
CA ILE C 49 17.47 -1.66 -16.02
C ILE C 49 16.06 -1.37 -15.55
N SER C 50 15.86 -0.24 -14.87
CA SER C 50 14.54 0.18 -14.43
C SER C 50 13.64 0.49 -15.63
N ARG C 51 12.33 0.35 -15.40
CA ARG C 51 11.20 0.52 -16.33
C ARG C 51 11.10 -0.61 -17.36
N TYR C 52 12.11 -1.50 -17.43
CA TYR C 52 12.05 -2.72 -18.22
C TYR C 52 12.02 -3.94 -17.29
N ALA C 53 12.08 -5.12 -17.90
CA ALA C 53 12.01 -6.39 -17.18
C ALA C 53 13.20 -7.27 -17.53
N MET C 54 13.59 -8.12 -16.58
CA MET C 54 14.79 -8.94 -16.65
C MET C 54 14.39 -10.40 -16.64
N SER C 55 15.13 -11.24 -17.35
CA SER C 55 14.84 -12.67 -17.44
C SER C 55 16.13 -13.48 -17.51
N TRP C 56 16.06 -14.71 -17.02
CA TRP C 56 17.21 -15.61 -16.97
C TRP C 56 16.87 -16.89 -17.71
N PHE C 57 17.82 -17.41 -18.49
CA PHE C 57 17.58 -18.59 -19.30
C PHE C 57 18.73 -19.58 -19.15
N ARG C 58 18.38 -20.87 -19.22
CA ARG C 58 19.35 -21.96 -19.23
C ARG C 58 19.58 -22.42 -20.67
N GLN C 59 20.80 -22.85 -20.95
CA GLN C 59 21.11 -23.50 -22.22
C GLN C 59 22.04 -24.67 -21.91
N ALA C 60 21.49 -25.88 -21.96
CA ALA C 60 22.29 -27.08 -21.79
C ALA C 60 23.07 -27.39 -23.06
N PRO C 61 24.22 -28.06 -22.96
CA PRO C 61 24.95 -28.46 -24.16
C PRO C 61 24.20 -29.45 -25.05
N GLY C 62 23.24 -30.21 -24.50
CA GLY C 62 22.52 -31.17 -25.30
C GLY C 62 21.04 -30.87 -25.46
N LYS C 63 20.55 -29.84 -24.78
CA LYS C 63 19.12 -29.52 -24.79
C LYS C 63 18.91 -28.12 -25.39
N GLU C 64 17.66 -27.67 -25.33
CA GLU C 64 17.23 -26.40 -25.89
C GLU C 64 17.28 -25.30 -24.83
N ARG C 65 17.11 -24.05 -25.24
CA ARG C 65 17.11 -22.90 -24.35
C ARG C 65 15.91 -22.98 -23.41
N GLU C 66 16.18 -23.19 -22.13
CA GLU C 66 15.14 -23.36 -21.12
C GLU C 66 14.98 -22.10 -20.28
N PHE C 67 13.77 -21.88 -19.80
CA PHE C 67 13.45 -20.72 -18.98
C PHE C 67 13.76 -20.97 -17.52
N VAL C 68 14.28 -19.95 -16.83
CA VAL C 68 14.51 -20.00 -15.39
C VAL C 68 13.56 -19.07 -14.65
N ALA C 69 13.71 -17.75 -14.86
CA ALA C 69 13.02 -16.80 -14.00
C ALA C 69 12.90 -15.47 -14.74
N VAL C 70 11.94 -14.67 -14.28
CA VAL C 70 11.67 -13.35 -14.84
C VAL C 70 11.40 -12.39 -13.69
N ALA C 71 11.99 -11.20 -13.77
CA ALA C 71 11.80 -10.15 -12.78
C ALA C 71 11.13 -8.95 -13.44
N ARG C 72 10.09 -8.44 -12.81
CA ARG C 72 9.33 -7.31 -13.31
C ARG C 72 9.89 -6.02 -12.73
N ARG C 73 9.20 -4.90 -12.99
CA ARG C 73 9.61 -3.61 -12.44
C ARG C 73 9.26 -3.59 -10.95
N SER C 74 10.11 -2.94 -10.15
CA SER C 74 9.84 -2.55 -8.77
C SER C 74 9.41 -3.70 -7.87
N GLY C 75 8.11 -3.79 -7.59
CA GLY C 75 7.58 -4.82 -6.73
C GLY C 75 6.31 -5.51 -7.17
N ASP C 76 6.11 -5.74 -8.48
CA ASP C 76 5.02 -6.62 -8.88
C ASP C 76 5.34 -8.08 -8.58
N GLY C 77 6.61 -8.43 -8.50
CA GLY C 77 7.02 -9.78 -8.17
C GLY C 77 7.92 -10.38 -9.25
N ALA C 78 8.41 -11.57 -8.94
CA ALA C 78 9.23 -12.35 -9.86
C ALA C 78 8.59 -13.72 -10.02
N PHE C 79 8.75 -14.30 -11.21
CA PHE C 79 8.15 -15.59 -11.52
C PHE C 79 9.23 -16.57 -11.96
N TYR C 80 9.22 -17.75 -11.37
CA TYR C 80 10.20 -18.79 -11.67
C TYR C 80 9.50 -19.96 -12.36
N ALA C 81 10.30 -20.78 -13.04
CA ALA C 81 9.77 -21.91 -13.79
C ALA C 81 9.47 -23.07 -12.85
N ASP C 82 9.08 -24.21 -13.44
CA ASP C 82 8.67 -25.37 -12.66
C ASP C 82 9.82 -26.15 -12.07
N SER C 83 11.04 -25.97 -12.56
CA SER C 83 12.21 -26.69 -12.06
C SER C 83 13.01 -25.91 -11.04
N VAL C 84 12.89 -24.58 -11.01
CA VAL C 84 13.67 -23.74 -10.12
C VAL C 84 12.81 -23.08 -9.06
N GLN C 85 11.63 -23.62 -8.78
CA GLN C 85 10.75 -23.10 -7.75
C GLN C 85 11.35 -23.35 -6.37
N GLY C 86 11.43 -22.30 -5.57
CA GLY C 86 12.00 -22.38 -4.22
C GLY C 86 13.50 -22.27 -4.15
N ARG C 87 14.22 -22.93 -5.06
CA ARG C 87 15.67 -22.93 -5.01
C ARG C 87 16.26 -21.59 -5.46
N PHE C 88 15.63 -20.95 -6.44
CA PHE C 88 16.19 -19.76 -7.06
C PHE C 88 15.52 -18.50 -6.53
N THR C 89 16.25 -17.39 -6.55
CA THR C 89 15.75 -16.12 -6.05
C THR C 89 16.38 -15.00 -6.87
N VAL C 90 15.53 -14.08 -7.36
CA VAL C 90 15.97 -12.97 -8.19
C VAL C 90 15.84 -11.68 -7.39
N SER C 91 16.88 -10.85 -7.42
CA SER C 91 16.88 -9.54 -6.80
C SER C 91 17.25 -8.49 -7.84
N ARG C 92 16.73 -7.29 -7.64
CA ARG C 92 16.92 -6.17 -8.57
C ARG C 92 17.65 -5.04 -7.87
N ASP C 93 18.36 -4.23 -8.66
CA ASP C 93 19.04 -3.04 -8.15
C ASP C 93 18.94 -1.97 -9.25
N ASP C 94 17.94 -1.10 -9.13
CA ASP C 94 17.75 -0.05 -10.11
C ASP C 94 18.77 1.07 -9.94
N ALA C 95 19.25 1.28 -8.71
CA ALA C 95 20.29 2.29 -8.48
C ALA C 95 21.63 1.85 -9.05
N LYS C 96 22.00 0.59 -8.85
CA LYS C 96 23.22 0.04 -9.42
C LYS C 96 23.01 -0.50 -10.83
N ASN C 97 21.75 -0.60 -11.28
CA ASN C 97 21.36 -1.07 -12.61
C ASN C 97 21.88 -2.49 -12.89
N THR C 98 21.43 -3.43 -12.07
CA THR C 98 21.84 -4.81 -12.19
C THR C 98 20.79 -5.73 -11.57
N VAL C 99 20.94 -7.02 -11.82
CA VAL C 99 20.12 -8.04 -11.18
C VAL C 99 21.00 -9.18 -10.70
N TYR C 100 20.54 -9.84 -9.65
CA TYR C 100 21.24 -10.95 -9.02
C TYR C 100 20.36 -12.18 -9.01
N LEU C 101 20.95 -13.32 -9.34
CA LEU C 101 20.25 -14.61 -9.32
C LEU C 101 20.98 -15.52 -8.34
N GLN C 102 20.29 -15.93 -7.29
CA GLN C 102 20.87 -16.75 -6.23
C GLN C 102 20.39 -18.18 -6.38
N MET C 103 21.32 -19.11 -6.55
CA MET C 103 21.03 -20.52 -6.75
C MET C 103 21.42 -21.29 -5.49
N ASN C 104 20.46 -22.02 -4.94
CA ASN C 104 20.65 -22.85 -3.76
C ASN C 104 20.21 -24.28 -4.07
N SER C 105 20.82 -25.23 -3.35
CA SER C 105 20.51 -26.67 -3.42
C SER C 105 20.70 -27.21 -4.83
N LEU C 106 21.95 -27.16 -5.31
CA LEU C 106 22.26 -27.47 -6.69
C LEU C 106 22.16 -28.96 -6.98
N LYS C 107 22.08 -29.28 -8.26
CA LYS C 107 22.01 -30.62 -8.82
C LYS C 107 22.91 -30.68 -10.06
N PRO C 108 23.49 -31.84 -10.35
CA PRO C 108 24.28 -31.98 -11.59
C PRO C 108 23.48 -31.84 -12.87
N GLU C 109 22.16 -31.93 -12.83
CA GLU C 109 21.30 -31.67 -13.99
C GLU C 109 21.21 -30.20 -14.35
N ASP C 110 21.69 -29.30 -13.47
CA ASP C 110 21.57 -27.86 -13.65
C ASP C 110 22.77 -27.27 -14.38
N THR C 111 23.68 -28.12 -14.86
CA THR C 111 24.85 -27.66 -15.60
C THR C 111 24.43 -27.09 -16.95
N ALA C 112 24.46 -25.77 -17.06
CA ALA C 112 24.03 -25.09 -18.27
C ALA C 112 24.63 -23.69 -18.30
N VAL C 113 24.70 -23.12 -19.50
CA VAL C 113 25.10 -21.73 -19.68
C VAL C 113 23.90 -20.85 -19.36
N TYR C 114 24.10 -19.88 -18.50
CA TYR C 114 23.02 -19.00 -18.05
C TYR C 114 23.07 -17.71 -18.87
N TYR C 115 22.08 -17.55 -19.75
CA TYR C 115 21.90 -16.36 -20.56
C TYR C 115 21.00 -15.37 -19.83
N CYS C 116 21.23 -14.08 -20.08
CA CYS C 116 20.48 -13.02 -19.43
C CYS C 116 19.80 -12.17 -20.50
N ALA C 117 18.48 -12.08 -20.44
CA ALA C 117 17.70 -11.40 -21.47
C ALA C 117 16.89 -10.29 -20.84
N ILE C 118 16.56 -9.29 -21.65
CA ILE C 118 15.80 -8.13 -21.19
C ILE C 118 14.57 -7.96 -22.09
N ASP C 119 13.40 -7.79 -21.46
CA ASP C 119 12.14 -7.63 -22.16
C ASP C 119 12.07 -6.20 -22.70
N SER C 120 11.95 -6.07 -24.03
CA SER C 120 11.89 -4.74 -24.63
C SER C 120 10.52 -4.11 -24.42
N ASP C 121 9.47 -4.91 -24.29
CA ASP C 121 8.13 -4.37 -24.14
C ASP C 121 7.86 -3.97 -22.70
N THR C 122 7.21 -2.82 -22.52
CA THR C 122 6.82 -2.35 -21.20
C THR C 122 5.70 -3.19 -20.61
N PHE C 123 4.84 -3.76 -21.45
CA PHE C 123 3.69 -4.53 -21.02
C PHE C 123 3.99 -6.02 -20.85
N TYR C 124 5.28 -6.39 -20.76
CA TYR C 124 5.75 -7.76 -20.52
C TYR C 124 5.28 -8.72 -21.61
N SER C 125 5.34 -8.27 -22.87
CA SER C 125 4.97 -9.14 -23.98
C SER C 125 5.97 -10.27 -24.19
N GLY C 126 7.26 -9.97 -24.06
CA GLY C 126 8.29 -10.98 -24.28
C GLY C 126 9.17 -10.68 -25.47
N SER C 127 9.34 -9.40 -25.79
CA SER C 127 10.20 -8.98 -26.89
C SER C 127 11.64 -9.12 -26.41
N TYR C 128 12.21 -10.29 -26.65
CA TYR C 128 13.53 -10.65 -26.13
C TYR C 128 14.54 -10.57 -27.26
N ASP C 129 15.28 -9.48 -27.31
CA ASP C 129 16.22 -9.25 -28.41
C ASP C 129 17.65 -9.03 -27.95
N TYR C 130 17.86 -8.29 -26.86
CA TYR C 130 19.20 -7.97 -26.38
C TYR C 130 19.66 -9.05 -25.41
N TRP C 131 20.34 -10.05 -25.95
CA TRP C 131 20.86 -11.17 -25.18
C TRP C 131 22.26 -10.85 -24.65
N GLY C 132 22.90 -11.86 -24.05
CA GLY C 132 24.25 -11.71 -23.55
C GLY C 132 25.07 -12.95 -23.85
N GLN C 133 26.37 -12.83 -23.60
CA GLN C 133 27.27 -13.95 -23.86
C GLN C 133 27.15 -15.03 -22.79
N GLY C 134 26.76 -14.65 -21.58
CA GLY C 134 26.44 -15.60 -20.54
C GLY C 134 27.66 -16.17 -19.84
N THR C 135 27.40 -16.81 -18.70
CA THR C 135 28.42 -17.50 -17.93
C THR C 135 28.08 -18.98 -17.85
N GLN C 136 29.10 -19.82 -17.81
CA GLN C 136 28.92 -21.26 -17.69
C GLN C 136 28.95 -21.68 -16.23
N VAL C 137 27.87 -22.29 -15.77
CA VAL C 137 27.77 -22.84 -14.43
C VAL C 137 27.81 -24.35 -14.55
N THR C 138 28.78 -24.98 -13.90
CA THR C 138 28.94 -26.43 -13.98
C THR C 138 29.03 -27.02 -12.59
N VAL C 139 28.61 -28.28 -12.48
CA VAL C 139 28.50 -28.97 -11.20
C VAL C 139 29.46 -30.16 -11.21
N SER C 140 30.34 -30.18 -10.21
CA SER C 140 31.34 -31.24 -9.98
C SER C 140 32.25 -31.49 -11.20
N GLU D 23 -33.46 -9.56 7.37
CA GLU D 23 -32.44 -8.79 6.65
C GLU D 23 -33.07 -7.71 5.79
N VAL D 24 -32.27 -6.73 5.40
CA VAL D 24 -32.68 -5.65 4.52
C VAL D 24 -31.97 -5.83 3.18
N GLN D 25 -32.72 -5.72 2.09
CA GLN D 25 -32.15 -6.11 0.81
C GLN D 25 -32.76 -5.26 -0.30
N LEU D 26 -32.08 -5.29 -1.45
CA LEU D 26 -32.46 -4.54 -2.64
C LEU D 26 -32.38 -5.45 -3.85
N VAL D 27 -33.43 -5.45 -4.67
CA VAL D 27 -33.42 -6.14 -5.94
C VAL D 27 -33.63 -5.13 -7.05
N GLU D 28 -33.27 -5.53 -8.27
CA GLU D 28 -33.42 -4.71 -9.45
C GLU D 28 -34.24 -5.46 -10.48
N SER D 29 -34.79 -4.71 -11.44
CA SER D 29 -35.58 -5.32 -12.51
C SER D 29 -35.51 -4.41 -13.73
N GLY D 30 -36.25 -4.80 -14.78
CA GLY D 30 -36.38 -3.99 -15.96
C GLY D 30 -35.26 -4.08 -16.96
N GLY D 31 -34.25 -4.91 -16.70
CA GLY D 31 -33.13 -5.01 -17.63
C GLY D 31 -33.46 -5.88 -18.83
N GLY D 32 -32.81 -5.58 -19.95
CA GLY D 32 -33.06 -6.33 -21.17
C GLY D 32 -32.31 -5.75 -22.35
N LEU D 33 -32.86 -6.00 -23.53
CA LEU D 33 -32.28 -5.58 -24.80
C LEU D 33 -33.14 -4.49 -25.42
N VAL D 34 -32.54 -3.34 -25.72
CA VAL D 34 -33.23 -2.23 -26.39
C VAL D 34 -32.45 -1.84 -27.62
N GLN D 35 -33.13 -1.13 -28.52
CA GLN D 35 -32.50 -0.57 -29.70
C GLN D 35 -31.77 0.71 -29.32
N PRO D 36 -30.77 1.12 -30.13
CA PRO D 36 -30.15 2.43 -29.91
C PRO D 36 -31.15 3.56 -30.11
N GLY D 37 -31.07 4.55 -29.23
CA GLY D 37 -32.05 5.62 -29.20
C GLY D 37 -33.36 5.26 -28.52
N GLY D 38 -33.45 4.09 -27.89
CA GLY D 38 -34.66 3.66 -27.22
C GLY D 38 -34.74 4.18 -25.80
N SER D 39 -35.66 3.59 -25.04
CA SER D 39 -35.90 4.01 -23.67
C SER D 39 -36.09 2.78 -22.79
N LEU D 40 -35.60 2.86 -21.56
CA LEU D 40 -35.72 1.75 -20.63
C LEU D 40 -35.79 2.27 -19.20
N ARG D 41 -36.67 1.69 -18.40
CA ARG D 41 -36.86 2.09 -17.00
C ARG D 41 -36.59 0.90 -16.09
N LEU D 42 -35.45 0.94 -15.40
CA LEU D 42 -35.17 -0.09 -14.40
C LEU D 42 -35.84 0.24 -13.08
N SER D 43 -36.34 -0.80 -12.43
CA SER D 43 -36.90 -0.73 -11.09
C SER D 43 -35.84 -1.13 -10.07
N CYS D 44 -36.03 -0.70 -8.84
CA CYS D 44 -35.12 -0.99 -7.74
C CYS D 44 -35.97 -1.09 -6.48
N ALA D 45 -36.34 -2.31 -6.13
CA ALA D 45 -37.24 -2.55 -5.00
C ALA D 45 -36.42 -2.84 -3.75
N ALA D 46 -36.66 -2.06 -2.70
CA ALA D 46 -35.97 -2.22 -1.43
C ALA D 46 -36.94 -2.74 -0.39
N SER D 47 -36.58 -3.85 0.25
CA SER D 47 -37.42 -4.46 1.26
C SER D 47 -36.68 -4.52 2.59
N GLY D 48 -37.40 -4.18 3.66
CA GLY D 48 -36.86 -4.14 5.00
C GLY D 48 -36.54 -2.76 5.52
N PHE D 49 -36.24 -1.80 4.63
CA PHE D 49 -35.91 -0.45 5.04
C PHE D 49 -36.62 0.53 4.11
N ASN D 50 -36.73 1.77 4.58
CA ASN D 50 -37.46 2.81 3.86
C ASN D 50 -36.51 3.63 2.99
N VAL D 51 -37.04 4.12 1.87
CA VAL D 51 -36.26 4.94 0.95
C VAL D 51 -35.95 6.31 1.55
N VAL D 52 -36.83 6.84 2.40
CA VAL D 52 -36.64 8.18 2.97
C VAL D 52 -35.52 8.25 4.00
N ASP D 53 -34.95 7.12 4.41
CA ASP D 53 -33.86 7.11 5.37
C ASP D 53 -32.49 6.88 4.74
N PHE D 54 -32.44 6.46 3.47
CA PHE D 54 -31.17 6.14 2.81
C PHE D 54 -31.23 6.59 1.36
N SER D 55 -30.19 7.32 0.93
CA SER D 55 -30.07 7.72 -0.46
C SER D 55 -29.74 6.52 -1.34
N LEU D 56 -30.25 6.53 -2.56
CA LEU D 56 -30.16 5.39 -3.47
C LEU D 56 -29.35 5.79 -4.69
N HIS D 57 -28.39 4.94 -5.07
CA HIS D 57 -27.47 5.20 -6.17
C HIS D 57 -27.54 4.10 -7.22
N TRP D 58 -27.24 4.48 -8.46
CA TRP D 58 -27.05 3.54 -9.56
C TRP D 58 -25.59 3.56 -9.97
N VAL D 59 -24.94 2.40 -9.86
CA VAL D 59 -23.53 2.26 -10.24
C VAL D 59 -23.45 1.35 -11.46
N ARG D 60 -22.69 1.79 -12.45
CA ARG D 60 -22.64 1.15 -13.75
C ARG D 60 -21.30 0.48 -13.96
N GLN D 61 -21.32 -0.79 -14.37
CA GLN D 61 -20.12 -1.53 -14.72
C GLN D 61 -20.22 -1.99 -16.16
N ALA D 62 -19.39 -1.41 -17.03
CA ALA D 62 -19.30 -1.87 -18.40
C ALA D 62 -18.70 -3.28 -18.43
N PRO D 63 -19.05 -4.10 -19.42
CA PRO D 63 -18.55 -5.49 -19.44
C PRO D 63 -17.05 -5.55 -19.68
N GLY D 64 -16.33 -5.99 -18.65
CA GLY D 64 -14.88 -6.06 -18.69
C GLY D 64 -14.17 -4.82 -18.20
N LYS D 65 -14.89 -3.75 -17.88
CA LYS D 65 -14.30 -2.49 -17.44
C LYS D 65 -14.68 -2.22 -15.98
N GLY D 66 -14.13 -1.14 -15.45
CA GLY D 66 -14.31 -0.80 -14.05
C GLY D 66 -15.68 -0.21 -13.75
N LEU D 67 -15.94 -0.04 -12.45
CA LEU D 67 -17.19 0.53 -11.99
C LEU D 67 -17.23 2.02 -12.27
N GLU D 68 -18.45 2.56 -12.39
CA GLU D 68 -18.65 3.98 -12.63
C GLU D 68 -20.00 4.39 -12.04
N TRP D 69 -19.99 5.47 -11.28
CA TRP D 69 -21.23 6.00 -10.70
C TRP D 69 -22.02 6.75 -11.77
N VAL D 70 -23.35 6.68 -11.68
CA VAL D 70 -24.24 7.32 -12.64
C VAL D 70 -25.06 8.44 -12.01
N ALA D 71 -25.84 8.11 -10.98
CA ALA D 71 -26.85 9.04 -10.50
C ALA D 71 -27.18 8.73 -9.04
N TYR D 72 -27.81 9.70 -8.38
CA TYR D 72 -28.39 9.42 -7.08
C TYR D 72 -29.65 10.26 -6.87
N ILE D 73 -30.51 9.74 -6.02
CA ILE D 73 -31.77 10.36 -5.60
C ILE D 73 -31.78 10.40 -4.08
N SER D 74 -32.13 11.54 -3.50
CA SER D 74 -32.40 11.66 -2.07
C SER D 74 -33.90 11.86 -1.94
N SER D 75 -34.56 10.87 -1.32
CA SER D 75 -36.03 10.87 -1.31
C SER D 75 -36.59 11.93 -0.36
N SER D 76 -35.89 12.21 0.74
CA SER D 76 -36.40 13.18 1.70
C SER D 76 -36.29 14.60 1.17
N SER D 77 -35.13 14.95 0.60
CA SER D 77 -34.87 16.30 0.15
C SER D 77 -35.16 16.54 -1.33
N GLY D 78 -35.45 15.49 -2.10
CA GLY D 78 -35.75 15.66 -3.50
C GLY D 78 -34.58 16.02 -4.39
N SER D 79 -33.35 15.76 -3.93
CA SER D 79 -32.17 16.13 -4.69
C SER D 79 -31.69 14.96 -5.54
N THR D 80 -31.60 15.19 -6.86
CA THR D 80 -31.10 14.19 -7.79
C THR D 80 -29.87 14.75 -8.47
N SER D 81 -28.93 13.86 -8.79
CA SER D 81 -27.75 14.28 -9.55
C SER D 81 -27.29 13.16 -10.46
N TYR D 82 -26.60 13.57 -11.53
CA TYR D 82 -26.21 12.69 -12.62
C TYR D 82 -24.70 12.80 -12.83
N ALA D 83 -24.15 11.82 -13.56
CA ALA D 83 -22.78 11.94 -14.02
C ALA D 83 -22.74 12.74 -15.32
N ASP D 84 -21.53 13.12 -15.73
CA ASP D 84 -21.36 14.01 -16.87
C ASP D 84 -21.70 13.32 -18.19
N SER D 85 -21.45 12.01 -18.29
CA SER D 85 -21.76 11.27 -19.51
C SER D 85 -23.24 10.96 -19.67
N VAL D 86 -24.05 11.14 -18.62
CA VAL D 86 -25.44 10.74 -18.64
C VAL D 86 -26.38 11.90 -18.32
N LYS D 87 -25.90 13.14 -18.37
CA LYS D 87 -26.74 14.28 -18.05
C LYS D 87 -27.70 14.57 -19.19
N GLY D 88 -28.97 14.73 -18.86
CA GLY D 88 -30.03 14.98 -19.82
C GLY D 88 -30.67 13.74 -20.40
N ARG D 89 -29.87 12.71 -20.68
CA ARG D 89 -30.38 11.47 -21.23
C ARG D 89 -31.00 10.56 -20.18
N PHE D 90 -30.61 10.72 -18.92
CA PHE D 90 -31.02 9.79 -17.86
C PHE D 90 -31.99 10.50 -16.94
N THR D 91 -32.92 9.74 -16.36
CA THR D 91 -33.90 10.29 -15.43
C THR D 91 -34.07 9.32 -14.27
N ILE D 92 -33.83 9.79 -13.05
CA ILE D 92 -33.91 8.98 -11.85
C ILE D 92 -35.13 9.43 -11.06
N SER D 93 -35.77 8.50 -10.35
CA SER D 93 -36.95 8.81 -9.56
C SER D 93 -37.07 7.78 -8.44
N ALA D 94 -38.02 8.04 -7.54
CA ALA D 94 -38.26 7.16 -6.40
C ALA D 94 -39.75 7.11 -6.11
N ASP D 95 -40.16 6.05 -5.38
CA ASP D 95 -41.55 5.87 -4.98
C ASP D 95 -41.55 5.23 -3.60
N THR D 96 -41.88 6.02 -2.58
CA THR D 96 -41.89 5.56 -1.19
C THR D 96 -43.06 4.63 -0.90
N SER D 97 -44.16 4.74 -1.66
CA SER D 97 -45.34 3.90 -1.42
C SER D 97 -45.05 2.44 -1.70
N LYS D 98 -44.29 2.14 -2.74
CA LYS D 98 -43.87 0.77 -3.03
C LYS D 98 -42.43 0.50 -2.60
N ASN D 99 -41.76 1.47 -1.94
CA ASN D 99 -40.34 1.43 -1.58
C ASN D 99 -39.45 1.06 -2.78
N THR D 100 -39.69 1.73 -3.90
CA THR D 100 -38.95 1.49 -5.13
C THR D 100 -38.31 2.78 -5.63
N ALA D 101 -37.24 2.60 -6.41
CA ALA D 101 -36.59 3.68 -7.13
C ALA D 101 -36.50 3.30 -8.60
N TYR D 102 -36.77 4.26 -9.47
CA TYR D 102 -36.81 4.02 -10.91
C TYR D 102 -35.72 4.83 -11.59
N LEU D 103 -35.05 4.22 -12.56
CA LEU D 103 -34.07 4.90 -13.40
C LEU D 103 -34.56 4.78 -14.85
N GLN D 104 -34.95 5.92 -15.42
CA GLN D 104 -35.47 5.97 -16.79
C GLN D 104 -34.39 6.55 -17.70
N MET D 105 -34.12 5.87 -18.80
CA MET D 105 -33.10 6.26 -19.76
C MET D 105 -33.71 6.44 -21.14
N ASN D 106 -33.35 7.53 -21.79
CA ASN D 106 -33.70 7.80 -23.18
C ASN D 106 -32.42 8.07 -23.97
N SER D 107 -32.48 7.74 -25.27
CA SER D 107 -31.37 7.89 -26.22
C SER D 107 -30.12 7.12 -25.75
N LEU D 108 -30.27 5.81 -25.60
CA LEU D 108 -29.20 4.96 -25.11
C LEU D 108 -28.19 4.70 -26.23
N ARG D 109 -27.00 5.30 -26.13
CA ARG D 109 -25.97 5.17 -27.14
C ARG D 109 -25.18 3.88 -26.88
N ALA D 110 -24.24 3.56 -27.78
CA ALA D 110 -23.57 2.26 -27.80
C ALA D 110 -22.64 2.03 -26.62
N GLU D 111 -22.27 3.07 -25.88
CA GLU D 111 -21.45 2.91 -24.69
C GLU D 111 -22.26 2.62 -23.44
N ASP D 112 -23.60 2.60 -23.55
CA ASP D 112 -24.47 2.47 -22.40
C ASP D 112 -24.82 1.03 -22.06
N THR D 113 -24.31 0.05 -22.80
CA THR D 113 -24.52 -1.34 -22.47
C THR D 113 -23.60 -1.75 -21.32
N ALA D 114 -24.21 -2.14 -20.20
CA ALA D 114 -23.48 -2.35 -18.95
C ALA D 114 -24.40 -3.06 -17.97
N VAL D 115 -23.88 -3.39 -16.79
CA VAL D 115 -24.68 -3.91 -15.69
C VAL D 115 -24.89 -2.78 -14.69
N TYR D 116 -26.14 -2.60 -14.27
CA TYR D 116 -26.51 -1.52 -13.37
C TYR D 116 -26.84 -2.09 -12.00
N TYR D 117 -26.20 -1.54 -10.97
CA TYR D 117 -26.36 -1.95 -9.58
C TYR D 117 -27.07 -0.84 -8.83
N CYS D 118 -27.94 -1.21 -7.89
CA CYS D 118 -28.67 -0.25 -7.07
C CYS D 118 -28.17 -0.40 -5.64
N ALA D 119 -27.51 0.65 -5.13
CA ALA D 119 -26.90 0.62 -3.82
C ALA D 119 -27.55 1.67 -2.91
N ARG D 120 -27.44 1.44 -1.60
CA ARG D 120 -27.96 2.37 -0.62
C ARG D 120 -26.82 3.05 0.11
N TRP D 121 -27.14 4.17 0.77
CA TRP D 121 -26.14 4.98 1.45
C TRP D 121 -26.85 5.77 2.54
N GLY D 122 -26.19 5.94 3.68
CA GLY D 122 -26.79 6.65 4.79
C GLY D 122 -26.79 8.17 4.61
N TYR D 123 -27.37 8.84 5.60
CA TYR D 123 -27.48 10.29 5.60
C TYR D 123 -26.59 10.89 6.69
N TRP D 124 -26.02 12.05 6.38
CA TRP D 124 -25.30 12.82 7.38
C TRP D 124 -26.30 13.38 8.41
N PRO D 125 -25.95 13.37 9.71
CA PRO D 125 -24.70 12.92 10.34
C PRO D 125 -24.77 11.52 10.93
N GLY D 126 -23.69 11.10 11.58
CA GLY D 126 -23.59 9.80 12.19
C GLY D 126 -22.76 8.86 11.34
N GLU D 127 -22.66 7.61 11.82
CA GLU D 127 -21.99 6.55 11.09
C GLU D 127 -22.61 5.98 9.80
N PRO D 128 -23.91 6.11 9.45
CA PRO D 128 -24.34 5.52 8.16
C PRO D 128 -23.79 6.24 6.93
N TRP D 129 -23.33 7.49 7.06
CA TRP D 129 -22.70 8.15 5.93
C TRP D 129 -21.32 7.60 5.64
N TRP D 130 -20.66 7.05 6.67
CA TRP D 130 -19.32 6.51 6.49
C TRP D 130 -19.33 5.16 5.81
N LYS D 131 -20.37 4.34 6.04
CA LYS D 131 -20.49 3.05 5.37
C LYS D 131 -21.01 3.31 3.96
N ALA D 132 -20.09 3.63 3.06
CA ALA D 132 -20.45 3.98 1.69
C ALA D 132 -20.78 2.71 0.92
N PHE D 133 -22.02 2.64 0.42
CA PHE D 133 -22.53 1.55 -0.42
C PHE D 133 -22.40 0.21 0.30
N ASP D 134 -23.05 0.12 1.46
CA ASP D 134 -22.90 -1.06 2.31
C ASP D 134 -23.60 -2.27 1.70
N TYR D 135 -24.85 -2.11 1.28
CA TYR D 135 -25.63 -3.21 0.71
C TYR D 135 -25.94 -2.91 -0.74
N TRP D 136 -25.57 -3.83 -1.62
CA TRP D 136 -25.76 -3.68 -3.05
C TRP D 136 -26.86 -4.63 -3.53
N GLY D 137 -27.37 -4.35 -4.73
CA GLY D 137 -28.19 -5.28 -5.45
C GLY D 137 -27.38 -6.01 -6.52
N GLN D 138 -27.95 -7.11 -7.02
CA GLN D 138 -27.27 -7.85 -8.07
C GLN D 138 -27.27 -7.12 -9.41
N GLY D 139 -28.20 -6.21 -9.63
CA GLY D 139 -28.17 -5.41 -10.85
C GLY D 139 -28.75 -6.14 -12.04
N THR D 140 -28.93 -5.40 -13.13
CA THR D 140 -29.43 -5.95 -14.38
C THR D 140 -28.49 -5.60 -15.53
N LEU D 141 -28.47 -6.48 -16.53
CA LEU D 141 -27.72 -6.24 -17.76
C LEU D 141 -28.60 -5.44 -18.71
N VAL D 142 -28.08 -4.32 -19.21
CA VAL D 142 -28.73 -3.53 -20.24
C VAL D 142 -27.79 -3.51 -21.43
N THR D 143 -28.22 -4.11 -22.53
CA THR D 143 -27.42 -4.19 -23.74
C THR D 143 -28.16 -3.48 -24.86
N VAL D 144 -27.46 -2.64 -25.60
CA VAL D 144 -28.01 -1.93 -26.75
C VAL D 144 -27.23 -2.40 -27.98
N SER D 145 -27.95 -2.58 -29.08
CA SER D 145 -27.49 -3.12 -30.36
C SER D 145 -28.62 -3.02 -31.36
N SER D 146 -28.27 -3.00 -32.64
CA SER D 146 -29.26 -2.88 -33.69
C SER D 146 -29.53 -4.18 -34.44
N ALA D 147 -28.94 -5.29 -34.00
CA ALA D 147 -29.09 -6.56 -34.69
C ALA D 147 -30.24 -7.36 -34.09
N SER D 148 -30.70 -8.36 -34.84
CA SER D 148 -31.82 -9.20 -34.46
C SER D 148 -31.34 -10.61 -34.15
N THR D 149 -32.23 -11.39 -33.52
CA THR D 149 -31.89 -12.72 -33.04
C THR D 149 -31.71 -13.69 -34.20
N LYS D 150 -30.57 -14.39 -34.23
CA LYS D 150 -30.30 -15.38 -35.24
C LYS D 150 -29.42 -16.47 -34.66
N GLY D 151 -29.43 -17.63 -35.30
CA GLY D 151 -28.67 -18.77 -34.84
C GLY D 151 -27.20 -18.69 -35.23
N PRO D 152 -26.35 -19.39 -34.48
CA PRO D 152 -24.92 -19.39 -34.79
C PRO D 152 -24.59 -20.25 -35.99
N SER D 153 -23.45 -19.94 -36.60
CA SER D 153 -22.92 -20.71 -37.71
C SER D 153 -21.66 -21.44 -37.24
N VAL D 154 -21.72 -22.76 -37.20
CA VAL D 154 -20.70 -23.59 -36.58
C VAL D 154 -19.78 -24.12 -37.68
N PHE D 155 -18.47 -23.99 -37.46
CA PHE D 155 -17.46 -24.41 -38.42
C PHE D 155 -16.41 -25.26 -37.71
N PRO D 156 -16.01 -26.38 -38.30
CA PRO D 156 -15.00 -27.23 -37.65
C PRO D 156 -13.59 -26.67 -37.76
N LEU D 157 -12.89 -26.60 -36.62
CA LEU D 157 -11.48 -26.25 -36.58
C LEU D 157 -10.70 -27.56 -36.56
N ALA D 158 -10.23 -27.99 -37.73
CA ALA D 158 -9.76 -29.35 -37.95
C ALA D 158 -8.41 -29.61 -37.27
N PRO D 159 -8.25 -30.81 -36.70
CA PRO D 159 -6.93 -31.21 -36.18
C PRO D 159 -5.96 -31.59 -37.29
N SER D 160 -5.22 -30.60 -37.80
CA SER D 160 -4.21 -30.84 -38.82
C SER D 160 -3.14 -31.80 -38.31
N SER D 161 -2.78 -32.77 -39.15
CA SER D 161 -1.95 -33.89 -38.70
C SER D 161 -0.50 -33.48 -38.47
N LYS D 162 -0.03 -32.45 -39.15
CA LYS D 162 1.35 -32.01 -38.98
C LYS D 162 1.55 -31.25 -37.66
N SER D 163 0.47 -30.79 -37.03
CA SER D 163 0.56 -30.06 -35.77
C SER D 163 0.71 -31.05 -34.63
N THR D 164 1.95 -31.20 -34.15
CA THR D 164 2.34 -32.06 -33.02
C THR D 164 1.92 -33.52 -33.25
N SER D 165 2.50 -34.11 -34.30
CA SER D 165 2.22 -35.50 -34.62
C SER D 165 2.90 -36.43 -33.62
N GLY D 166 2.17 -37.43 -33.15
CA GLY D 166 2.67 -38.39 -32.19
C GLY D 166 2.51 -37.99 -30.74
N GLY D 167 2.06 -36.77 -30.47
CA GLY D 167 1.83 -36.33 -29.11
C GLY D 167 0.38 -36.01 -28.83
N THR D 168 0.05 -34.74 -28.65
CA THR D 168 -1.31 -34.31 -28.44
C THR D 168 -1.66 -33.20 -29.43
N ALA D 169 -2.90 -33.23 -29.91
CA ALA D 169 -3.39 -32.27 -30.89
C ALA D 169 -4.55 -31.48 -30.28
N ALA D 170 -5.00 -30.47 -31.03
CA ALA D 170 -6.06 -29.58 -30.57
C ALA D 170 -7.20 -29.55 -31.59
N LEU D 171 -8.43 -29.54 -31.08
CA LEU D 171 -9.63 -29.52 -31.88
C LEU D 171 -10.47 -28.30 -31.53
N GLY D 172 -11.68 -28.26 -32.07
CA GLY D 172 -12.62 -27.21 -31.72
C GLY D 172 -13.63 -26.97 -32.82
N CYS D 173 -14.74 -26.35 -32.45
CA CYS D 173 -15.74 -25.86 -33.40
C CYS D 173 -16.02 -24.40 -33.06
N LEU D 174 -16.02 -23.55 -34.07
CA LEU D 174 -16.11 -22.11 -33.91
C LEU D 174 -17.49 -21.64 -34.36
N VAL D 175 -18.19 -20.90 -33.51
CA VAL D 175 -19.42 -20.22 -33.88
C VAL D 175 -19.08 -18.77 -34.21
N LYS D 176 -19.75 -18.21 -35.21
CA LYS D 176 -19.31 -16.96 -35.80
C LYS D 176 -20.29 -15.80 -35.63
N ASP D 177 -21.56 -16.00 -35.99
CA ASP D 177 -22.54 -14.91 -36.02
C ASP D 177 -23.79 -15.35 -35.26
N TYR D 178 -23.84 -15.03 -33.97
CA TYR D 178 -25.03 -15.22 -33.16
C TYR D 178 -25.20 -14.00 -32.26
N PHE D 179 -26.40 -13.46 -32.22
CA PHE D 179 -26.63 -12.15 -31.63
C PHE D 179 -26.82 -12.13 -30.10
N PRO D 180 -27.63 -12.98 -29.45
CA PRO D 180 -27.67 -12.93 -27.97
C PRO D 180 -26.44 -13.58 -27.35
N GLU D 181 -26.02 -13.06 -26.19
CA GLU D 181 -24.88 -13.64 -25.47
C GLU D 181 -25.01 -15.11 -25.03
N PRO D 182 -26.08 -15.57 -24.31
CA PRO D 182 -25.94 -16.89 -23.67
C PRO D 182 -26.10 -18.06 -24.63
N VAL D 183 -24.97 -18.69 -24.95
CA VAL D 183 -24.94 -19.89 -25.76
C VAL D 183 -24.22 -20.97 -24.96
N THR D 184 -24.52 -22.23 -25.28
CA THR D 184 -23.96 -23.36 -24.56
C THR D 184 -23.30 -24.30 -25.56
N VAL D 185 -22.02 -24.58 -25.34
CA VAL D 185 -21.26 -25.51 -26.17
C VAL D 185 -20.86 -26.68 -25.29
N SER D 186 -21.32 -27.87 -25.65
CA SER D 186 -20.95 -29.11 -24.98
C SER D 186 -20.13 -29.96 -25.94
N TRP D 187 -19.36 -30.89 -25.38
CA TRP D 187 -18.41 -31.70 -26.14
C TRP D 187 -18.64 -33.17 -25.86
N ASN D 188 -18.97 -33.92 -26.92
CA ASN D 188 -19.28 -35.35 -26.88
C ASN D 188 -20.41 -35.66 -25.90
N SER D 189 -21.45 -34.81 -25.93
CA SER D 189 -22.67 -34.94 -25.12
C SER D 189 -22.36 -34.97 -23.62
N GLY D 190 -21.40 -34.16 -23.20
CA GLY D 190 -21.05 -34.06 -21.80
C GLY D 190 -20.10 -35.14 -21.29
N ALA D 191 -19.66 -36.05 -22.14
CA ALA D 191 -18.74 -37.10 -21.72
C ALA D 191 -17.30 -36.63 -21.69
N LEU D 192 -17.01 -35.43 -22.16
CA LEU D 192 -15.66 -34.86 -22.19
C LEU D 192 -15.66 -33.63 -21.29
N THR D 193 -14.80 -33.63 -20.30
CA THR D 193 -14.64 -32.50 -19.39
C THR D 193 -13.19 -32.04 -19.27
N SER D 194 -12.24 -32.96 -19.36
CA SER D 194 -10.83 -32.62 -19.18
C SER D 194 -10.25 -32.08 -20.49
N GLY D 195 -9.79 -30.83 -20.47
CA GLY D 195 -9.09 -30.24 -21.59
C GLY D 195 -9.89 -29.23 -22.39
N VAL D 196 -11.19 -29.10 -22.16
CA VAL D 196 -12.01 -28.18 -22.93
C VAL D 196 -11.83 -26.77 -22.38
N HIS D 197 -11.55 -25.83 -23.28
CA HIS D 197 -11.45 -24.41 -22.96
C HIS D 197 -12.42 -23.66 -23.85
N THR D 198 -13.48 -23.12 -23.25
CA THR D 198 -14.50 -22.36 -23.97
C THR D 198 -14.23 -20.88 -23.73
N PHE D 199 -13.86 -20.17 -24.80
CA PHE D 199 -13.45 -18.79 -24.69
C PHE D 199 -14.66 -17.88 -24.48
N PRO D 200 -14.48 -16.76 -23.78
CA PRO D 200 -15.56 -15.77 -23.71
C PRO D 200 -15.83 -15.14 -25.07
N ALA D 201 -17.10 -14.81 -25.30
CA ALA D 201 -17.52 -14.30 -26.60
C ALA D 201 -17.07 -12.85 -26.78
N VAL D 202 -16.48 -12.56 -27.92
CA VAL D 202 -16.04 -11.21 -28.27
C VAL D 202 -17.04 -10.61 -29.24
N LEU D 203 -17.06 -9.29 -29.33
CA LEU D 203 -17.96 -8.56 -30.21
C LEU D 203 -17.22 -8.15 -31.47
N GLN D 204 -17.77 -8.54 -32.63
CA GLN D 204 -17.17 -8.17 -33.90
C GLN D 204 -17.56 -6.75 -34.28
N SER D 205 -17.08 -6.29 -35.43
CA SER D 205 -17.49 -4.99 -35.95
C SER D 205 -18.89 -5.02 -36.54
N SER D 206 -19.45 -6.20 -36.80
CA SER D 206 -20.77 -6.34 -37.38
C SER D 206 -21.89 -6.36 -36.35
N GLY D 207 -21.57 -6.18 -35.07
CA GLY D 207 -22.58 -6.16 -34.03
C GLY D 207 -22.99 -7.51 -33.50
N LEU D 208 -22.31 -8.58 -33.87
CA LEU D 208 -22.62 -9.91 -33.39
C LEU D 208 -21.46 -10.45 -32.56
N TYR D 209 -21.58 -11.72 -32.17
CA TYR D 209 -20.67 -12.33 -31.22
C TYR D 209 -20.04 -13.59 -31.80
N SER D 210 -18.75 -13.77 -31.54
CA SER D 210 -17.99 -14.94 -31.99
C SER D 210 -17.36 -15.62 -30.79
N LEU D 211 -17.53 -16.94 -30.72
CA LEU D 211 -17.07 -17.73 -29.58
C LEU D 211 -16.36 -18.97 -30.10
N SER D 212 -15.31 -19.38 -29.38
CA SER D 212 -14.56 -20.58 -29.73
C SER D 212 -14.45 -21.48 -28.51
N SER D 213 -14.56 -22.79 -28.73
CA SER D 213 -14.41 -23.79 -27.68
C SER D 213 -13.47 -24.87 -28.19
N VAL D 214 -12.27 -24.94 -27.62
CA VAL D 214 -11.22 -25.82 -28.11
C VAL D 214 -11.02 -26.99 -27.15
N VAL D 215 -10.60 -28.12 -27.70
CA VAL D 215 -10.29 -29.33 -26.95
C VAL D 215 -8.91 -29.82 -27.36
N THR D 216 -8.07 -30.13 -26.37
CA THR D 216 -6.79 -30.80 -26.60
C THR D 216 -6.98 -32.29 -26.28
N VAL D 217 -6.72 -33.13 -27.26
CA VAL D 217 -6.85 -34.59 -27.12
C VAL D 217 -5.49 -35.20 -27.41
N PRO D 218 -5.22 -36.42 -26.94
CA PRO D 218 -4.06 -37.14 -27.48
C PRO D 218 -4.34 -37.63 -28.90
N SER D 219 -3.31 -37.51 -29.75
CA SER D 219 -3.46 -37.81 -31.17
C SER D 219 -3.54 -39.30 -31.48
N SER D 220 -3.25 -40.17 -30.51
CA SER D 220 -3.40 -41.61 -30.72
C SER D 220 -4.85 -42.03 -30.77
N SER D 221 -5.76 -41.24 -30.19
CA SER D 221 -7.18 -41.53 -30.19
C SER D 221 -7.95 -40.68 -31.20
N LEU D 222 -7.24 -40.08 -32.16
CA LEU D 222 -7.90 -39.25 -33.16
C LEU D 222 -8.71 -40.11 -34.14
N GLY D 223 -8.11 -41.18 -34.66
CA GLY D 223 -8.82 -42.04 -35.59
C GLY D 223 -9.79 -43.00 -34.92
N THR D 224 -9.56 -43.32 -33.65
CA THR D 224 -10.43 -44.24 -32.94
C THR D 224 -11.68 -43.53 -32.40
N GLN D 225 -11.47 -42.52 -31.57
CA GLN D 225 -12.58 -41.81 -30.95
C GLN D 225 -13.13 -40.73 -31.88
N THR D 226 -14.42 -40.48 -31.75
CA THR D 226 -15.09 -39.42 -32.49
C THR D 226 -15.44 -38.29 -31.54
N TYR D 227 -15.46 -37.06 -32.06
CA TYR D 227 -15.68 -35.87 -31.25
C TYR D 227 -16.85 -35.09 -31.82
N ILE D 228 -17.82 -34.76 -30.98
CA ILE D 228 -19.06 -34.12 -31.36
C ILE D 228 -19.26 -32.91 -30.45
N CYS D 229 -19.52 -31.74 -31.05
CA CYS D 229 -19.85 -30.57 -30.25
C CYS D 229 -21.30 -30.15 -30.48
N ASN D 230 -21.99 -29.87 -29.39
CA ASN D 230 -23.39 -29.46 -29.40
C ASN D 230 -23.47 -27.99 -29.03
N VAL D 231 -23.90 -27.17 -29.97
CA VAL D 231 -24.13 -25.75 -29.73
C VAL D 231 -25.61 -25.55 -29.45
N ASN D 232 -25.93 -25.06 -28.26
CA ASN D 232 -27.30 -24.91 -27.76
C ASN D 232 -27.58 -23.42 -27.61
N HIS D 233 -28.58 -22.93 -28.36
CA HIS D 233 -28.89 -21.50 -28.41
C HIS D 233 -30.39 -21.35 -28.14
N LYS D 234 -30.75 -21.27 -26.87
CA LYS D 234 -32.13 -21.13 -26.39
C LYS D 234 -32.87 -19.87 -26.87
N PRO D 235 -32.25 -18.66 -26.93
CA PRO D 235 -32.97 -17.53 -27.56
C PRO D 235 -33.32 -17.73 -29.03
N SER D 236 -32.55 -18.53 -29.76
CA SER D 236 -32.90 -18.86 -31.14
C SER D 236 -33.45 -20.28 -31.28
N ASN D 237 -33.45 -21.05 -30.19
CA ASN D 237 -33.91 -22.45 -30.14
C ASN D 237 -33.19 -23.32 -31.18
N THR D 238 -31.87 -23.13 -31.27
CA THR D 238 -31.05 -23.77 -32.29
C THR D 238 -30.05 -24.71 -31.63
N LYS D 239 -30.11 -25.99 -31.99
CA LYS D 239 -29.18 -26.99 -31.48
C LYS D 239 -28.43 -27.59 -32.66
N VAL D 240 -27.13 -27.38 -32.72
CA VAL D 240 -26.30 -27.82 -33.84
C VAL D 240 -25.31 -28.86 -33.33
N ASP D 241 -25.33 -30.03 -33.95
CA ASP D 241 -24.37 -31.09 -33.67
C ASP D 241 -23.49 -31.26 -34.91
N LYS D 242 -22.33 -30.61 -34.91
CA LYS D 242 -21.40 -30.65 -36.02
C LYS D 242 -20.18 -31.46 -35.64
N LYS D 243 -19.70 -32.27 -36.57
CA LYS D 243 -18.58 -33.16 -36.28
C LYS D 243 -17.26 -32.51 -36.66
N VAL D 244 -16.20 -32.95 -35.99
CA VAL D 244 -14.84 -32.48 -36.23
C VAL D 244 -13.97 -33.70 -36.53
N GLU D 245 -13.26 -33.66 -37.66
CA GLU D 245 -12.46 -34.78 -38.12
C GLU D 245 -11.16 -34.26 -38.73
N PRO D 246 -10.05 -35.00 -38.55
CA PRO D 246 -8.80 -34.57 -39.18
C PRO D 246 -8.81 -34.79 -40.68
N LYS D 247 -8.01 -33.97 -41.37
CA LYS D 247 -7.92 -34.04 -42.82
C LYS D 247 -6.82 -35.01 -43.26
#